data_4EP7
#
_entry.id   4EP7
#
_cell.length_a   53.490
_cell.length_b   76.860
_cell.length_c   81.860
_cell.angle_alpha   90.00
_cell.angle_beta   91.17
_cell.angle_gamma   90.00
#
_symmetry.space_group_name_H-M   'P 1 21 1'
#
loop_
_entity.id
_entity.type
_entity.pdbx_description
1 polymer 'Poly(A) RNA polymerase protein cid1'
2 non-polymer "URIDINE 5'-TRIPHOSPHATE"
3 non-polymer 'MAGNESIUM ION'
4 water water
#
_entity_poly.entity_id   1
_entity_poly.type   'polypeptide(L)'
_entity_poly.pdbx_seq_one_letter_code
;DMSHKEFTKFCYEVYNEIKISDKEFKEKRAALDTLRLCLKRISPDAELVAFGSLESGLALKNSDMDLCVLMDSRVQSDTI
ALQFYEELIAEGFEGKFLQRARIPIIKLTSDTKNGFGASFQCDIGFNNRLAIHNTLLLSSYTKLDARLKPMVLLVKHWAK
RKQINSPYFGTLSSYGYVLMVLYYLIHVIKPPVFPNLLLSPLKQEKIVDGFDVGFDDKLEDIPPSQNYSSLGSLLHGFFR
FYAYKFEPREKVVTFRRPDGYLTKQEKGWTSATEHTGSADQIIKDRYILAIEDPFEISHNVGRTVSSSGLYRIRGEFMAA
SRLLNSRSYPIPYDSLFEEA
;
_entity_poly.pdbx_strand_id   A,B
#
loop_
_chem_comp.id
_chem_comp.type
_chem_comp.name
_chem_comp.formula
MG non-polymer 'MAGNESIUM ION' 'Mg 2'
UTP non-polymer 'URIDINE 5'-TRIPHOSPHATE' 'C9 H15 N2 O15 P3'
#
# COMPACT_ATOMS: atom_id res chain seq x y z
N ASP A 1 -4.81 9.03 -30.49
CA ASP A 1 -4.65 9.11 -29.03
C ASP A 1 -3.50 10.01 -28.61
N MET A 2 -3.81 11.22 -28.16
CA MET A 2 -2.78 12.16 -27.71
C MET A 2 -3.02 12.51 -26.24
N SER A 3 -3.83 11.68 -25.59
CA SER A 3 -4.18 11.87 -24.19
C SER A 3 -2.95 11.86 -23.26
N HIS A 4 -1.87 11.22 -23.71
CA HIS A 4 -0.72 10.99 -22.84
C HIS A 4 0.59 11.24 -23.55
N LYS A 5 0.61 12.28 -24.38
CA LYS A 5 1.76 12.55 -25.25
C LYS A 5 3.03 12.77 -24.45
N GLU A 6 2.97 13.59 -23.41
CA GLU A 6 4.18 13.86 -22.65
C GLU A 6 4.61 12.67 -21.80
N PHE A 7 3.67 12.02 -21.14
CA PHE A 7 4.00 10.83 -20.39
C PHE A 7 4.62 9.78 -21.32
N THR A 8 4.07 9.65 -22.53
CA THR A 8 4.59 8.67 -23.49
C THR A 8 6.04 8.98 -23.89
N LYS A 9 6.30 10.24 -24.23
CA LYS A 9 7.66 10.68 -24.54
C LYS A 9 8.64 10.33 -23.44
N PHE A 10 8.29 10.70 -22.21
CA PHE A 10 9.12 10.35 -21.08
C PHE A 10 9.34 8.83 -20.98
N CYS A 11 8.27 8.06 -21.19
CA CYS A 11 8.31 6.60 -21.09
C CYS A 11 9.33 5.98 -22.03
N TYR A 12 9.33 6.43 -23.28
CA TYR A 12 10.30 5.94 -24.26
C TYR A 12 11.73 6.38 -23.97
N GLU A 13 11.90 7.55 -23.36
CA GLU A 13 13.26 7.97 -22.97
C GLU A 13 13.84 7.07 -21.87
N VAL A 14 13.02 6.79 -20.86
CA VAL A 14 13.41 5.89 -19.79
C VAL A 14 13.70 4.48 -20.35
N TYR A 15 12.80 3.98 -21.18
CA TYR A 15 12.94 2.71 -21.87
C TYR A 15 14.31 2.59 -22.55
N ASN A 16 14.64 3.55 -23.41
CA ASN A 16 15.94 3.56 -24.06
C ASN A 16 17.10 3.64 -23.07
N GLU A 17 16.82 4.14 -21.87
CA GLU A 17 17.83 4.18 -20.81
C GLU A 17 18.09 2.81 -20.17
N ILE A 18 17.04 2.02 -19.98
CA ILE A 18 17.12 0.82 -19.16
C ILE A 18 17.17 -0.49 -19.95
N LYS A 19 16.83 -0.44 -21.23
CA LYS A 19 16.78 -1.66 -22.02
C LYS A 19 18.18 -2.23 -22.21
N ILE A 20 18.28 -3.54 -22.25
CA ILE A 20 19.58 -4.18 -22.49
C ILE A 20 20.14 -3.75 -23.84
N SER A 21 21.40 -3.37 -23.85
CA SER A 21 22.06 -2.91 -25.08
C SER A 21 22.31 -4.10 -25.97
N ASP A 22 22.58 -3.83 -27.24
CA ASP A 22 22.84 -4.90 -28.17
C ASP A 22 24.19 -5.55 -27.87
N LYS A 23 25.11 -4.78 -27.28
CA LYS A 23 26.41 -5.36 -26.95
C LYS A 23 26.34 -6.29 -25.72
N GLU A 24 25.50 -5.96 -24.75
CA GLU A 24 25.34 -6.84 -23.61
C GLU A 24 24.58 -8.10 -24.03
N PHE A 25 23.59 -7.94 -24.91
CA PHE A 25 22.83 -9.06 -25.43
C PHE A 25 23.77 -10.03 -26.15
N LYS A 26 24.63 -9.48 -27.00
CA LYS A 26 25.66 -10.26 -27.69
C LYS A 26 26.60 -11.01 -26.73
N GLU A 27 27.11 -10.32 -25.71
CA GLU A 27 27.94 -11.00 -24.70
C GLU A 27 27.21 -12.18 -24.06
N LYS A 28 25.95 -11.97 -23.70
CA LYS A 28 25.16 -13.01 -23.04
C LYS A 28 24.94 -14.22 -23.96
N ARG A 29 24.79 -13.98 -25.25
CA ARG A 29 24.61 -15.09 -26.16
C ARG A 29 25.94 -15.82 -26.38
N ALA A 30 27.05 -15.09 -26.32
CA ALA A 30 28.36 -15.70 -26.45
C ALA A 30 28.70 -16.54 -25.23
N ALA A 31 28.14 -16.17 -24.07
CA ALA A 31 28.39 -16.92 -22.83
C ALA A 31 27.60 -18.23 -22.86
N LEU A 32 26.43 -18.18 -23.47
CA LEU A 32 25.58 -19.34 -23.63
C LEU A 32 26.26 -20.35 -24.59
N ASP A 33 26.79 -19.84 -25.69
CA ASP A 33 27.65 -20.63 -26.59
C ASP A 33 28.74 -21.34 -25.79
N THR A 34 29.54 -20.57 -25.08
CA THR A 34 30.63 -21.12 -24.25
C THR A 34 30.11 -22.18 -23.28
N LEU A 35 28.96 -21.92 -22.67
CA LEU A 35 28.41 -22.85 -21.67
C LEU A 35 27.84 -24.12 -22.31
N ARG A 36 27.38 -24.01 -23.55
CA ARG A 36 26.78 -25.13 -24.24
C ARG A 36 27.88 -26.10 -24.67
N LEU A 37 28.97 -25.53 -25.16
CA LEU A 37 30.14 -26.32 -25.50
C LEU A 37 30.65 -27.11 -24.29
N CYS A 38 30.74 -26.45 -23.13
CA CYS A 38 31.20 -27.15 -21.94
C CYS A 38 30.25 -28.27 -21.56
N LEU A 39 28.95 -28.03 -21.69
CA LEU A 39 27.99 -29.08 -21.43
C LEU A 39 28.18 -30.27 -22.39
N LYS A 40 28.45 -30.00 -23.67
CA LYS A 40 28.61 -31.04 -24.68
C LYS A 40 29.86 -31.86 -24.44
N ARG A 41 30.76 -31.34 -23.60
CA ARG A 41 31.96 -32.05 -23.18
C ARG A 41 31.66 -33.19 -22.18
N ILE A 42 30.47 -33.18 -21.58
CA ILE A 42 30.17 -34.21 -20.59
C ILE A 42 29.08 -35.19 -21.06
N SER A 43 28.22 -34.75 -21.97
CA SER A 43 27.18 -35.61 -22.53
C SER A 43 26.70 -35.03 -23.86
N PRO A 44 26.57 -35.90 -24.89
CA PRO A 44 26.09 -35.40 -26.19
C PRO A 44 24.57 -35.35 -26.15
N ASP A 45 23.99 -35.96 -25.13
CA ASP A 45 22.56 -36.08 -24.97
C ASP A 45 21.94 -35.02 -24.05
N ALA A 46 22.71 -33.99 -23.72
CA ALA A 46 22.18 -32.91 -22.89
C ALA A 46 22.21 -31.58 -23.64
N GLU A 47 21.14 -30.81 -23.52
CA GLU A 47 21.02 -29.54 -24.24
C GLU A 47 20.93 -28.35 -23.26
N LEU A 48 21.50 -27.23 -23.67
CA LEU A 48 21.46 -26.02 -22.85
C LEU A 48 20.55 -25.02 -23.53
N VAL A 49 19.48 -24.64 -22.84
CA VAL A 49 18.47 -23.75 -23.42
C VAL A 49 18.29 -22.51 -22.54
N ALA A 50 18.31 -21.33 -23.17
CA ALA A 50 17.97 -20.09 -22.48
C ALA A 50 16.45 -19.93 -22.38
N PHE A 51 16.01 -19.35 -21.26
CA PHE A 51 14.62 -18.94 -21.11
C PHE A 51 14.61 -17.64 -20.32
N GLY A 52 13.44 -17.21 -19.85
CA GLY A 52 13.35 -15.92 -19.17
C GLY A 52 13.51 -14.71 -20.07
N SER A 53 13.77 -13.55 -19.47
CA SER A 53 13.67 -12.26 -20.16
C SER A 53 14.71 -12.06 -21.26
N LEU A 54 15.87 -12.67 -21.14
CA LEU A 54 16.85 -12.61 -22.24
C LEU A 54 16.29 -13.26 -23.50
N GLU A 55 15.62 -14.39 -23.34
CA GLU A 55 15.10 -15.16 -24.47
C GLU A 55 13.83 -14.56 -25.10
N SER A 56 13.01 -13.88 -24.30
CA SER A 56 11.76 -13.34 -24.81
C SER A 56 11.89 -11.87 -25.26
N GLY A 57 13.00 -11.24 -24.91
CA GLY A 57 13.26 -9.86 -25.30
C GLY A 57 12.85 -8.84 -24.24
N LEU A 58 12.58 -9.30 -23.03
CA LEU A 58 12.03 -8.46 -22.00
C LEU A 58 13.07 -8.15 -20.92
N ALA A 59 14.31 -8.02 -21.33
CA ALA A 59 15.43 -7.95 -20.40
C ALA A 59 15.86 -6.51 -20.12
N LEU A 60 16.00 -6.19 -18.83
CA LEU A 60 16.66 -4.95 -18.46
C LEU A 60 18.16 -5.10 -18.64
N LYS A 61 18.87 -3.98 -18.64
CA LYS A 61 20.31 -4.00 -18.70
C LYS A 61 20.91 -4.53 -17.38
N ASN A 62 22.11 -5.09 -17.45
CA ASN A 62 22.72 -5.72 -16.27
C ASN A 62 21.82 -6.79 -15.67
N SER A 63 21.22 -7.63 -16.52
CA SER A 63 20.34 -8.67 -16.01
C SER A 63 21.04 -10.03 -16.03
N ASP A 64 20.51 -10.97 -15.26
CA ASP A 64 21.06 -12.31 -15.16
C ASP A 64 20.43 -13.25 -16.19
N MET A 65 21.17 -14.28 -16.61
CA MET A 65 20.64 -15.24 -17.57
C MET A 65 19.95 -16.38 -16.86
N ASP A 66 18.90 -16.87 -17.48
CA ASP A 66 18.18 -18.02 -16.99
C ASP A 66 18.43 -19.16 -17.97
N LEU A 67 19.17 -20.17 -17.53
CA LEU A 67 19.52 -21.28 -18.39
C LEU A 67 18.91 -22.59 -17.90
N CYS A 68 18.72 -23.51 -18.83
CA CYS A 68 18.12 -24.78 -18.52
C CYS A 68 18.81 -25.92 -19.29
N VAL A 69 19.35 -26.88 -18.54
CA VAL A 69 19.84 -28.14 -19.09
C VAL A 69 18.71 -29.14 -19.32
N LEU A 70 18.57 -29.61 -20.56
CA LEU A 70 17.52 -30.58 -20.89
C LEU A 70 18.07 -31.95 -21.23
N MET A 71 17.40 -32.99 -20.77
CA MET A 71 17.69 -34.35 -21.23
C MET A 71 16.72 -35.39 -20.69
N THR A 79 21.83 -35.96 -12.07
CA THR A 79 22.94 -36.91 -12.13
C THR A 79 24.09 -36.32 -12.95
N ILE A 80 23.72 -35.46 -13.90
CA ILE A 80 24.68 -34.76 -14.74
C ILE A 80 25.02 -33.39 -14.16
N ALA A 81 24.12 -32.86 -13.33
CA ALA A 81 24.31 -31.55 -12.74
C ALA A 81 25.66 -31.44 -12.02
N LEU A 82 25.94 -32.40 -11.15
CA LEU A 82 27.20 -32.41 -10.42
C LEU A 82 28.39 -32.36 -11.40
N GLN A 83 28.41 -33.27 -12.37
CA GLN A 83 29.46 -33.32 -13.40
C GLN A 83 29.62 -32.01 -14.15
N PHE A 84 28.49 -31.45 -14.57
CA PHE A 84 28.51 -30.16 -15.23
C PHE A 84 29.13 -29.13 -14.30
N TYR A 85 28.62 -29.07 -13.07
CA TYR A 85 29.11 -28.12 -12.10
C TYR A 85 30.63 -28.17 -12.00
N GLU A 86 31.16 -29.38 -11.88
CA GLU A 86 32.60 -29.56 -11.69
C GLU A 86 33.43 -29.14 -12.91
N GLU A 87 32.86 -29.28 -14.10
CA GLU A 87 33.55 -28.87 -15.31
C GLU A 87 33.54 -27.34 -15.43
N LEU A 88 32.43 -26.72 -15.03
CA LEU A 88 32.34 -25.27 -15.03
C LEU A 88 33.41 -24.64 -14.14
N ILE A 89 33.63 -25.20 -12.96
CA ILE A 89 34.63 -24.65 -12.06
C ILE A 89 36.03 -24.89 -12.62
N ALA A 90 36.31 -26.12 -13.01
CA ALA A 90 37.52 -26.47 -13.74
C ALA A 90 37.76 -25.54 -14.93
N GLU A 91 36.69 -25.02 -15.52
CA GLU A 91 36.82 -24.08 -16.63
C GLU A 91 37.09 -22.64 -16.21
N GLY A 92 37.16 -22.40 -14.90
CA GLY A 92 37.46 -21.06 -14.41
C GLY A 92 36.23 -20.27 -14.00
N PHE A 93 35.06 -20.89 -14.09
CA PHE A 93 33.83 -20.25 -13.62
C PHE A 93 33.72 -20.37 -12.09
N GLU A 94 33.06 -19.39 -11.49
CA GLU A 94 32.77 -19.45 -10.06
C GLU A 94 31.28 -19.58 -9.86
N GLY A 95 30.88 -20.36 -8.87
CA GLY A 95 29.48 -20.62 -8.65
C GLY A 95 29.18 -21.48 -7.45
N LYS A 96 27.90 -21.76 -7.24
CA LYS A 96 27.46 -22.58 -6.13
C LYS A 96 26.42 -23.61 -6.57
N PHE A 97 26.38 -24.74 -5.85
CA PHE A 97 25.43 -25.80 -6.18
C PHE A 97 25.33 -26.80 -5.04
N LEU A 98 24.09 -27.16 -4.69
CA LEU A 98 23.85 -28.12 -3.62
C LEU A 98 23.29 -29.42 -4.17
N GLN A 99 24.15 -30.43 -4.26
CA GLN A 99 23.74 -31.74 -4.78
C GLN A 99 22.65 -32.37 -3.92
N ARG A 100 21.80 -33.16 -4.57
CA ARG A 100 20.65 -33.79 -3.92
C ARG A 100 19.54 -32.81 -3.50
N ALA A 101 19.62 -31.56 -3.95
CA ALA A 101 18.52 -30.61 -3.74
C ALA A 101 17.28 -31.05 -4.52
N ARG A 102 16.10 -30.74 -3.99
CA ARG A 102 14.85 -31.04 -4.69
C ARG A 102 14.90 -30.48 -6.12
N ILE A 103 15.15 -29.17 -6.22
CA ILE A 103 15.32 -28.49 -7.50
C ILE A 103 16.79 -28.14 -7.72
N PRO A 104 17.54 -29.02 -8.40
CA PRO A 104 18.98 -28.78 -8.55
C PRO A 104 19.22 -27.45 -9.25
N ILE A 105 20.18 -26.67 -8.78
CA ILE A 105 20.47 -25.37 -9.37
C ILE A 105 21.95 -25.04 -9.31
N ILE A 106 22.52 -24.67 -10.45
CA ILE A 106 23.89 -24.19 -10.48
C ILE A 106 23.86 -22.69 -10.69
N LYS A 107 24.37 -21.95 -9.71
CA LYS A 107 24.43 -20.51 -9.82
C LYS A 107 25.86 -20.08 -10.10
N LEU A 108 26.09 -19.51 -11.28
CA LEU A 108 27.40 -18.96 -11.59
C LEU A 108 27.40 -17.49 -11.22
N THR A 109 28.39 -17.09 -10.45
CA THR A 109 28.43 -15.73 -9.88
C THR A 109 29.61 -14.96 -10.42
N SER A 110 30.47 -15.63 -11.16
CA SER A 110 31.69 -14.99 -11.65
C SER A 110 32.39 -15.83 -12.71
N ASP A 111 33.24 -15.16 -13.47
CA ASP A 111 34.06 -15.80 -14.48
C ASP A 111 35.46 -15.23 -14.37
N THR A 112 36.45 -16.08 -14.17
CA THR A 112 37.82 -15.62 -14.04
C THR A 112 38.60 -15.75 -15.34
N LYS A 113 38.10 -16.57 -16.26
CA LYS A 113 38.88 -16.97 -17.43
C LYS A 113 38.21 -16.81 -18.80
N ASN A 114 36.88 -16.77 -18.83
CA ASN A 114 36.17 -16.89 -20.09
C ASN A 114 35.67 -15.58 -20.70
N GLY A 115 36.04 -14.47 -20.06
CA GLY A 115 35.81 -13.17 -20.63
C GLY A 115 34.50 -12.47 -20.29
N PHE A 116 33.69 -13.07 -19.43
CA PHE A 116 32.35 -12.54 -19.18
C PHE A 116 32.20 -11.71 -17.90
N GLY A 117 33.31 -11.42 -17.24
CA GLY A 117 33.31 -10.47 -16.14
C GLY A 117 33.06 -11.03 -14.75
N ALA A 118 33.70 -10.38 -13.77
CA ALA A 118 33.57 -10.76 -12.36
C ALA A 118 32.11 -10.67 -11.83
N SER A 119 31.26 -9.93 -12.53
CA SER A 119 29.87 -9.74 -12.14
C SER A 119 28.90 -10.67 -12.91
N PHE A 120 29.45 -11.46 -13.82
CA PHE A 120 28.67 -12.39 -14.61
C PHE A 120 27.83 -13.28 -13.71
N GLN A 121 26.54 -13.39 -13.98
CA GLN A 121 25.69 -14.29 -13.20
C GLN A 121 24.63 -14.98 -14.04
N CYS A 122 24.49 -16.28 -13.83
CA CYS A 122 23.31 -16.94 -14.36
C CYS A 122 22.92 -18.13 -13.50
N ASP A 123 21.66 -18.54 -13.63
CA ASP A 123 21.18 -19.70 -12.91
C ASP A 123 20.93 -20.79 -13.92
N ILE A 124 21.40 -21.98 -13.61
CA ILE A 124 21.17 -23.12 -14.47
C ILE A 124 20.31 -24.14 -13.71
N GLY A 125 19.13 -24.44 -14.27
CA GLY A 125 18.23 -25.41 -13.69
C GLY A 125 18.30 -26.65 -14.53
N PHE A 126 17.53 -27.68 -14.19
CA PHE A 126 17.53 -28.93 -14.94
C PHE A 126 16.12 -29.39 -15.27
N ASN A 127 15.89 -29.64 -16.55
CA ASN A 127 14.59 -30.08 -17.07
C ASN A 127 13.42 -29.19 -16.67
N ASN A 128 13.63 -27.88 -16.77
CA ASN A 128 12.55 -26.94 -16.47
C ASN A 128 11.79 -26.61 -17.76
N ARG A 129 11.08 -27.58 -18.32
CA ARG A 129 10.44 -27.41 -19.62
C ARG A 129 9.28 -26.41 -19.59
N LEU A 130 8.57 -26.35 -18.47
CA LEU A 130 7.45 -25.41 -18.32
C LEU A 130 7.92 -23.97 -18.50
N ALA A 131 9.05 -23.62 -17.90
CA ALA A 131 9.61 -22.28 -18.00
C ALA A 131 9.98 -21.97 -19.45
N ILE A 132 10.49 -22.98 -20.14
CA ILE A 132 10.81 -22.84 -21.56
C ILE A 132 9.54 -22.52 -22.37
N HIS A 133 8.45 -23.22 -22.07
CA HIS A 133 7.19 -22.97 -22.74
C HIS A 133 6.52 -21.63 -22.40
N ASN A 134 6.46 -21.27 -21.12
CA ASN A 134 5.90 -19.97 -20.79
C ASN A 134 6.74 -18.83 -21.41
N THR A 135 8.03 -19.07 -21.59
CA THR A 135 8.90 -18.13 -22.28
C THR A 135 8.53 -18.04 -23.77
N LEU A 136 8.20 -19.17 -24.39
CA LEU A 136 7.69 -19.15 -25.77
C LEU A 136 6.42 -18.32 -25.93
N LEU A 137 5.50 -18.45 -24.97
CA LEU A 137 4.32 -17.60 -24.96
C LEU A 137 4.67 -16.09 -24.88
N LEU A 138 5.47 -15.72 -23.88
CA LEU A 138 5.86 -14.32 -23.71
C LEU A 138 6.57 -13.75 -24.94
N SER A 139 7.51 -14.49 -25.52
CA SER A 139 8.14 -14.15 -26.80
C SER A 139 7.10 -13.86 -27.85
N SER A 140 6.11 -14.74 -27.95
CA SER A 140 5.09 -14.60 -29.00
C SER A 140 4.33 -13.29 -28.85
N TYR A 141 3.93 -12.97 -27.62
CA TYR A 141 3.25 -11.71 -27.35
C TYR A 141 4.10 -10.47 -27.63
N THR A 142 5.41 -10.53 -27.34
CA THR A 142 6.27 -9.38 -27.61
C THR A 142 6.38 -9.20 -29.12
N LYS A 143 6.23 -10.31 -29.85
CA LYS A 143 6.24 -10.27 -31.32
C LYS A 143 4.95 -9.68 -31.86
N LEU A 144 3.85 -9.93 -31.17
CA LEU A 144 2.53 -9.47 -31.62
C LEU A 144 2.33 -7.95 -31.57
N ASP A 145 2.82 -7.31 -30.52
CA ASP A 145 2.62 -5.87 -30.40
C ASP A 145 3.86 -5.15 -29.87
N ALA A 146 4.25 -4.09 -30.56
CA ALA A 146 5.48 -3.37 -30.24
C ALA A 146 5.45 -2.58 -28.91
N ARG A 147 4.27 -2.42 -28.33
CA ARG A 147 4.12 -1.66 -27.07
C ARG A 147 4.45 -2.51 -25.84
N LEU A 148 4.32 -3.83 -25.98
CA LEU A 148 4.52 -4.76 -24.87
C LEU A 148 5.92 -4.70 -24.24
N LYS A 149 6.96 -4.85 -25.05
CA LYS A 149 8.35 -4.78 -24.53
C LYS A 149 8.62 -3.55 -23.64
N PRO A 150 8.45 -2.32 -24.18
CA PRO A 150 8.68 -1.15 -23.33
C PRO A 150 7.75 -1.11 -22.12
N MET A 151 6.48 -1.44 -22.28
CA MET A 151 5.60 -1.44 -21.11
C MET A 151 6.14 -2.35 -19.97
N VAL A 152 6.62 -3.53 -20.35
CA VAL A 152 7.13 -4.48 -19.40
C VAL A 152 8.44 -4.00 -18.76
N LEU A 153 9.34 -3.44 -19.56
CA LEU A 153 10.60 -2.98 -19.03
C LEU A 153 10.34 -1.89 -17.98
N LEU A 154 9.39 -1.01 -18.31
CA LEU A 154 9.05 0.09 -17.43
C LEU A 154 8.39 -0.38 -16.12
N VAL A 155 7.48 -1.35 -16.22
CA VAL A 155 6.87 -1.93 -15.03
C VAL A 155 7.91 -2.63 -14.11
N LYS A 156 8.84 -3.35 -14.73
CA LYS A 156 9.91 -4.02 -13.97
C LYS A 156 10.81 -3.01 -13.27
N HIS A 157 11.17 -1.95 -13.99
CA HIS A 157 12.07 -0.93 -13.47
C HIS A 157 11.40 -0.25 -12.28
N TRP A 158 10.14 0.14 -12.47
CA TRP A 158 9.33 0.69 -11.41
C TRP A 158 9.26 -0.21 -10.19
N ALA A 159 9.07 -1.51 -10.40
CA ALA A 159 8.85 -2.40 -9.27
C ALA A 159 10.15 -2.60 -8.49
N LYS A 160 11.28 -2.56 -9.18
CA LYS A 160 12.57 -2.66 -8.50
C LYS A 160 12.84 -1.39 -7.70
N ARG A 161 12.62 -0.24 -8.33
CA ARG A 161 12.84 1.04 -7.66
C ARG A 161 11.98 1.13 -6.41
N LYS A 162 10.74 0.67 -6.51
CA LYS A 162 9.83 0.77 -5.38
C LYS A 162 10.02 -0.31 -4.30
N GLN A 163 10.90 -1.28 -4.55
CA GLN A 163 11.23 -2.30 -3.54
C GLN A 163 10.14 -3.34 -3.42
N ILE A 164 9.36 -3.52 -4.49
CA ILE A 164 8.30 -4.53 -4.50
C ILE A 164 8.60 -5.69 -5.45
N ASN A 165 9.86 -5.79 -5.85
CA ASN A 165 10.29 -6.86 -6.74
C ASN A 165 11.15 -7.88 -6.01
N SER A 166 10.75 -8.22 -4.79
CA SER A 166 11.52 -9.16 -3.97
C SER A 166 10.70 -10.35 -3.51
N PRO A 167 10.69 -11.43 -4.31
CA PRO A 167 9.96 -12.66 -3.98
C PRO A 167 10.45 -13.24 -2.67
N TYR A 168 11.76 -13.24 -2.46
CA TYR A 168 12.35 -13.79 -1.24
C TYR A 168 12.01 -12.98 -0.01
N PHE A 169 11.52 -11.77 -0.20
CA PHE A 169 11.29 -10.91 0.95
C PHE A 169 9.89 -10.36 0.98
N GLY A 170 8.95 -11.17 0.50
CA GLY A 170 7.53 -10.89 0.67
C GLY A 170 6.82 -10.18 -0.47
N THR A 171 7.55 -9.78 -1.51
CA THR A 171 6.86 -9.22 -2.68
C THR A 171 6.91 -10.17 -3.90
N LEU A 172 7.02 -9.63 -5.10
CA LEU A 172 6.61 -10.32 -6.33
C LEU A 172 7.73 -10.44 -7.37
N SER A 173 7.86 -11.63 -7.97
CA SER A 173 8.83 -11.83 -9.04
C SER A 173 8.53 -10.98 -10.27
N SER A 174 9.58 -10.64 -11.02
CA SER A 174 9.47 -9.98 -12.31
C SER A 174 8.50 -10.73 -13.21
N TYR A 175 8.56 -12.05 -13.19
CA TYR A 175 7.65 -12.86 -13.97
C TYR A 175 6.20 -12.58 -13.59
N GLY A 176 5.96 -12.39 -12.28
CA GLY A 176 4.65 -12.08 -11.78
C GLY A 176 4.15 -10.78 -12.38
N TYR A 177 5.00 -9.76 -12.34
CA TYR A 177 4.68 -8.50 -13.02
C TYR A 177 4.38 -8.64 -14.53
N VAL A 178 5.19 -9.39 -15.27
CA VAL A 178 4.88 -9.63 -16.67
C VAL A 178 3.47 -10.20 -16.83
N LEU A 179 3.11 -11.18 -16.02
CA LEU A 179 1.79 -11.75 -16.11
C LEU A 179 0.66 -10.76 -15.76
N MET A 180 0.87 -9.87 -14.80
CA MET A 180 -0.16 -8.85 -14.50
C MET A 180 -0.34 -7.89 -15.68
N VAL A 181 0.78 -7.58 -16.32
CA VAL A 181 0.75 -6.79 -17.54
C VAL A 181 -0.05 -7.49 -18.64
N LEU A 182 0.31 -8.72 -18.96
CA LEU A 182 -0.34 -9.46 -20.05
C LEU A 182 -1.83 -9.56 -19.77
N TYR A 183 -2.16 -9.90 -18.54
CA TYR A 183 -3.54 -10.07 -18.16
C TYR A 183 -4.32 -8.77 -18.37
N TYR A 184 -3.74 -7.63 -18.04
CA TYR A 184 -4.40 -6.35 -18.29
C TYR A 184 -4.61 -6.11 -19.79
N LEU A 185 -3.55 -6.34 -20.58
CA LEU A 185 -3.56 -6.14 -22.02
C LEU A 185 -4.59 -7.01 -22.74
N ILE A 186 -4.93 -8.14 -22.14
CA ILE A 186 -5.73 -9.17 -22.77
C ILE A 186 -7.19 -9.12 -22.34
N HIS A 187 -7.41 -8.97 -21.03
CA HIS A 187 -8.73 -9.16 -20.44
C HIS A 187 -9.28 -7.92 -19.75
N VAL A 188 -8.50 -6.87 -19.56
CA VAL A 188 -9.08 -5.68 -18.92
C VAL A 188 -9.33 -4.54 -19.91
N ILE A 189 -8.28 -4.12 -20.60
CA ILE A 189 -8.37 -2.98 -21.48
C ILE A 189 -9.30 -3.25 -22.67
N LYS A 190 -10.13 -2.27 -22.98
CA LYS A 190 -11.07 -2.33 -24.09
C LYS A 190 -10.79 -1.20 -25.06
N PRO A 191 -10.59 -1.52 -26.34
CA PRO A 191 -10.49 -2.92 -26.82
C PRO A 191 -9.17 -3.58 -26.41
N PRO A 192 -9.13 -4.93 -26.38
CA PRO A 192 -7.92 -5.63 -25.93
C PRO A 192 -6.76 -5.27 -26.84
N VAL A 193 -5.54 -5.19 -26.32
CA VAL A 193 -4.42 -5.05 -27.24
C VAL A 193 -4.12 -6.41 -27.87
N PHE A 194 -4.44 -7.47 -27.13
CA PHE A 194 -4.03 -8.84 -27.43
C PHE A 194 -5.20 -9.78 -27.30
N PRO A 195 -5.30 -10.75 -28.22
CA PRO A 195 -6.18 -11.90 -27.98
C PRO A 195 -5.52 -12.81 -26.95
N ASN A 196 -6.32 -13.68 -26.33
CA ASN A 196 -5.80 -14.73 -25.47
C ASN A 196 -5.41 -15.92 -26.34
N LEU A 197 -4.11 -16.10 -26.53
CA LEU A 197 -3.59 -17.19 -27.39
C LEU A 197 -3.90 -18.60 -26.89
N LEU A 198 -4.10 -18.77 -25.59
CA LEU A 198 -4.44 -20.10 -25.04
C LEU A 198 -5.88 -20.48 -25.38
N LEU A 199 -6.78 -19.51 -25.37
CA LEU A 199 -8.20 -19.77 -25.55
C LEU A 199 -8.65 -19.66 -27.01
N SER A 200 -7.70 -19.37 -27.89
CA SER A 200 -7.99 -19.33 -29.31
C SER A 200 -8.65 -20.63 -29.77
N PRO A 201 -9.68 -20.51 -30.63
CA PRO A 201 -10.32 -21.68 -31.22
C PRO A 201 -9.30 -22.49 -32.03
N LEU A 202 -8.25 -21.85 -32.52
CA LEU A 202 -7.18 -22.55 -33.25
C LEU A 202 -6.11 -23.21 -32.37
N LYS A 203 -6.20 -23.03 -31.06
CA LYS A 203 -5.20 -23.60 -30.17
C LYS A 203 -5.29 -25.13 -30.12
N GLN A 204 -4.15 -25.80 -30.19
CA GLN A 204 -4.09 -27.26 -30.13
C GLN A 204 -3.41 -27.68 -28.84
N GLU A 205 -4.00 -28.63 -28.13
CA GLU A 205 -3.45 -29.06 -26.86
C GLU A 205 -2.04 -29.64 -27.05
N LYS A 206 -1.18 -29.43 -26.06
CA LYS A 206 0.16 -29.98 -26.08
C LYS A 206 0.62 -30.21 -24.65
N ILE A 207 0.82 -31.47 -24.28
CA ILE A 207 1.04 -31.84 -22.89
C ILE A 207 2.52 -32.08 -22.57
N VAL A 208 3.03 -31.32 -21.62
CA VAL A 208 4.41 -31.43 -21.20
C VAL A 208 4.39 -31.48 -19.70
N ASP A 209 5.08 -32.47 -19.13
CA ASP A 209 5.12 -32.67 -17.67
C ASP A 209 3.76 -32.55 -16.98
N GLY A 210 2.70 -32.95 -17.67
CA GLY A 210 1.39 -33.00 -17.05
C GLY A 210 0.51 -31.77 -17.26
N PHE A 211 1.03 -30.75 -17.95
CA PHE A 211 0.23 -29.55 -18.17
C PHE A 211 0.08 -29.24 -19.65
N ASP A 212 -1.02 -28.60 -20.00
CA ASP A 212 -1.22 -28.12 -21.35
C ASP A 212 -0.45 -26.82 -21.56
N VAL A 213 0.53 -26.86 -22.46
CA VAL A 213 1.30 -25.68 -22.82
C VAL A 213 0.98 -25.26 -24.25
N GLY A 214 -0.08 -25.83 -24.82
CA GLY A 214 -0.50 -25.48 -26.16
C GLY A 214 -1.02 -24.04 -26.22
N PHE A 215 -0.70 -23.35 -27.32
CA PHE A 215 -1.30 -22.05 -27.60
C PHE A 215 -1.25 -21.74 -29.10
N ASP A 216 -2.14 -20.86 -29.54
CA ASP A 216 -2.17 -20.39 -30.92
C ASP A 216 -0.88 -19.62 -31.25
N ASP A 217 0.07 -20.29 -31.87
CA ASP A 217 1.40 -19.71 -32.07
C ASP A 217 1.65 -19.25 -33.51
N LYS A 218 0.61 -19.30 -34.34
CA LYS A 218 0.72 -18.84 -35.73
C LYS A 218 0.52 -17.33 -35.78
N LEU A 219 1.60 -16.60 -35.49
CA LEU A 219 1.55 -15.16 -35.31
C LEU A 219 1.10 -14.39 -36.54
N GLU A 220 1.60 -14.78 -37.71
CA GLU A 220 1.29 -14.04 -38.94
C GLU A 220 -0.20 -14.10 -39.31
N ASP A 221 -0.94 -15.00 -38.68
CA ASP A 221 -2.36 -15.12 -38.93
C ASP A 221 -3.17 -14.32 -37.91
N ILE A 222 -2.47 -13.78 -36.92
CA ILE A 222 -3.09 -12.88 -35.95
C ILE A 222 -3.20 -11.48 -36.55
N PRO A 223 -4.42 -10.91 -36.54
CA PRO A 223 -4.62 -9.55 -37.06
C PRO A 223 -4.02 -8.49 -36.13
N PRO A 224 -3.71 -7.31 -36.68
CA PRO A 224 -3.14 -6.20 -35.88
C PRO A 224 -4.10 -5.76 -34.79
N SER A 225 -3.55 -5.29 -33.68
CA SER A 225 -4.36 -4.86 -32.54
C SER A 225 -5.42 -3.83 -32.94
N GLN A 226 -6.63 -3.98 -32.43
CA GLN A 226 -7.64 -2.95 -32.62
C GLN A 226 -7.55 -1.86 -31.54
N ASN A 227 -6.58 -1.99 -30.64
CA ASN A 227 -6.32 -0.94 -29.65
C ASN A 227 -5.17 -0.06 -30.16
N TYR A 228 -5.42 1.23 -30.27
CA TYR A 228 -4.40 2.15 -30.76
C TYR A 228 -3.89 3.11 -29.69
N SER A 229 -4.08 2.76 -28.43
CA SER A 229 -3.60 3.59 -27.32
C SER A 229 -2.09 3.77 -27.36
N SER A 230 -1.62 4.87 -26.80
CA SER A 230 -0.18 5.11 -26.70
C SER A 230 0.36 4.36 -25.50
N LEU A 231 1.67 4.16 -25.49
CA LEU A 231 2.35 3.48 -24.39
C LEU A 231 1.99 4.13 -23.04
N GLY A 232 2.08 5.46 -22.99
CA GLY A 232 1.67 6.23 -21.81
C GLY A 232 0.27 5.90 -21.31
N SER A 233 -0.68 5.82 -22.24
CA SER A 233 -2.08 5.45 -21.91
C SER A 233 -2.19 4.04 -21.36
N LEU A 234 -1.47 3.08 -21.95
CA LEU A 234 -1.55 1.69 -21.50
C LEU A 234 -1.03 1.57 -20.07
N LEU A 235 0.04 2.31 -19.80
CA LEU A 235 0.70 2.22 -18.51
C LEU A 235 -0.19 2.80 -17.43
N HIS A 236 -0.80 3.94 -17.75
CA HIS A 236 -1.71 4.63 -16.85
C HIS A 236 -2.89 3.73 -16.51
N GLY A 237 -3.47 3.10 -17.54
CA GLY A 237 -4.58 2.19 -17.34
C GLY A 237 -4.21 1.00 -16.47
N PHE A 238 -2.99 0.51 -16.63
CA PHE A 238 -2.48 -0.64 -15.88
C PHE A 238 -2.37 -0.34 -14.38
N PHE A 239 -1.71 0.77 -14.09
CA PHE A 239 -1.54 1.26 -12.73
C PHE A 239 -2.89 1.50 -12.07
N ARG A 240 -3.83 2.06 -12.82
CA ARG A 240 -5.17 2.30 -12.29
C ARG A 240 -5.91 1.00 -11.99
N PHE A 241 -5.81 0.04 -12.90
CA PHE A 241 -6.53 -1.20 -12.71
C PHE A 241 -6.09 -1.88 -11.42
N TYR A 242 -4.78 -1.95 -11.20
CA TYR A 242 -4.33 -2.65 -10.00
C TYR A 242 -4.41 -1.83 -8.71
N ALA A 243 -4.49 -0.50 -8.83
CA ALA A 243 -4.70 0.38 -7.69
C ALA A 243 -6.14 0.34 -7.16
N TYR A 244 -7.09 0.24 -8.08
CA TYR A 244 -8.47 0.58 -7.70
C TYR A 244 -9.51 -0.49 -8.03
N LYS A 245 -9.32 -1.18 -9.14
CA LYS A 245 -10.35 -2.07 -9.67
C LYS A 245 -10.15 -3.54 -9.30
N PHE A 246 -8.95 -4.05 -9.53
CA PHE A 246 -8.69 -5.45 -9.22
C PHE A 246 -8.92 -5.69 -7.72
N GLU A 247 -9.50 -6.83 -7.37
CA GLU A 247 -9.67 -7.19 -5.96
C GLU A 247 -8.88 -8.43 -5.57
N PRO A 248 -7.67 -8.21 -5.04
CA PRO A 248 -6.73 -9.30 -4.75
C PRO A 248 -7.25 -10.27 -3.69
N ARG A 249 -8.17 -9.82 -2.85
CA ARG A 249 -8.66 -10.69 -1.77
C ARG A 249 -9.58 -11.77 -2.31
N GLU A 250 -10.20 -11.51 -3.46
CA GLU A 250 -11.20 -12.42 -3.97
C GLU A 250 -10.94 -12.95 -5.38
N LYS A 251 -10.03 -12.32 -6.11
CA LYS A 251 -9.88 -12.68 -7.53
C LYS A 251 -8.53 -13.29 -7.89
N VAL A 252 -8.51 -14.02 -9.00
CA VAL A 252 -7.27 -14.60 -9.50
C VAL A 252 -6.96 -13.99 -10.87
N VAL A 253 -5.73 -13.56 -11.04
CA VAL A 253 -5.26 -13.23 -12.35
C VAL A 253 -5.17 -14.56 -13.10
N THR A 254 -5.81 -14.66 -14.25
CA THR A 254 -5.88 -15.93 -14.94
C THR A 254 -5.85 -15.73 -16.43
N PHE A 255 -5.38 -16.76 -17.14
CA PHE A 255 -5.39 -16.75 -18.60
C PHE A 255 -6.23 -17.91 -19.15
N ARG A 256 -7.11 -18.46 -18.32
CA ARG A 256 -7.91 -19.63 -18.68
C ARG A 256 -9.41 -19.34 -18.73
N ARG A 257 -9.78 -18.08 -18.60
CA ARG A 257 -11.18 -17.70 -18.63
C ARG A 257 -11.42 -16.67 -19.73
N PRO A 258 -12.43 -16.90 -20.57
CA PRO A 258 -12.68 -16.04 -21.74
C PRO A 258 -12.96 -14.61 -21.30
N ASP A 259 -13.53 -14.43 -20.13
CA ASP A 259 -13.76 -13.09 -19.60
C ASP A 259 -12.77 -12.71 -18.50
N GLY A 260 -11.76 -13.54 -18.29
CA GLY A 260 -10.75 -13.27 -17.28
C GLY A 260 -11.29 -13.25 -15.86
N TYR A 261 -12.49 -13.76 -15.66
CA TYR A 261 -13.07 -13.82 -14.33
C TYR A 261 -12.77 -15.13 -13.60
N LEU A 262 -12.10 -15.02 -12.45
CA LEU A 262 -11.80 -16.20 -11.63
C LEU A 262 -11.74 -15.84 -10.15
N THR A 263 -12.48 -16.62 -9.36
CA THR A 263 -12.60 -16.39 -7.94
C THR A 263 -11.61 -17.29 -7.20
N LYS A 264 -11.07 -16.82 -6.08
CA LYS A 264 -10.13 -17.63 -5.32
C LYS A 264 -10.77 -18.90 -4.77
N GLN A 265 -12.10 -18.90 -4.64
CA GLN A 265 -12.79 -20.08 -4.09
C GLN A 265 -13.11 -21.17 -5.14
N GLU A 266 -13.38 -20.77 -6.39
CA GLU A 266 -13.51 -21.75 -7.48
C GLU A 266 -12.18 -22.47 -7.62
N LYS A 267 -11.11 -21.68 -7.58
CA LYS A 267 -9.75 -22.18 -7.74
C LYS A 267 -9.30 -23.00 -6.52
N GLY A 268 -9.99 -22.85 -5.41
CA GLY A 268 -9.59 -23.56 -4.20
C GLY A 268 -8.30 -23.00 -3.65
N TRP A 269 -7.99 -21.77 -4.05
CA TRP A 269 -6.81 -21.06 -3.56
C TRP A 269 -7.19 -20.12 -2.42
N THR A 270 -7.57 -20.70 -1.28
CA THR A 270 -8.17 -19.94 -0.19
C THR A 270 -7.49 -20.15 1.15
N SER A 271 -6.29 -20.73 1.12
CA SER A 271 -5.53 -20.95 2.35
C SER A 271 -4.05 -21.20 2.05
N ARG A 286 0.51 -20.30 -0.04
CA ARG A 286 0.13 -18.88 0.15
C ARG A 286 -0.54 -18.22 -1.06
N TYR A 287 -1.67 -17.55 -0.81
CA TYR A 287 -2.49 -17.01 -1.89
C TYR A 287 -3.00 -15.58 -1.64
N ILE A 288 -2.24 -14.80 -0.88
CA ILE A 288 -2.57 -13.38 -0.67
C ILE A 288 -2.79 -12.65 -2.00
N LEU A 289 -1.81 -12.74 -2.91
CA LEU A 289 -1.98 -12.34 -4.31
C LEU A 289 -1.97 -13.59 -5.21
N ALA A 290 -3.07 -13.83 -5.93
CA ALA A 290 -3.19 -15.05 -6.75
C ALA A 290 -3.02 -14.77 -8.24
N ILE A 291 -1.93 -15.26 -8.79
CA ILE A 291 -1.66 -15.18 -10.22
C ILE A 291 -1.47 -16.61 -10.69
N GLU A 292 -2.47 -17.13 -11.39
CA GLU A 292 -2.42 -18.49 -11.91
C GLU A 292 -1.53 -18.52 -13.14
N ASP A 293 -0.43 -19.27 -13.08
CA ASP A 293 0.44 -19.43 -14.25
C ASP A 293 -0.38 -19.98 -15.41
N PRO A 294 -0.21 -19.40 -16.61
CA PRO A 294 -1.02 -19.82 -17.76
C PRO A 294 -0.89 -21.32 -18.08
N PHE A 295 0.28 -21.90 -17.87
CA PHE A 295 0.48 -23.32 -18.12
C PHE A 295 0.49 -24.18 -16.84
N GLU A 296 1.32 -23.81 -15.87
CA GLU A 296 1.36 -24.57 -14.63
C GLU A 296 0.28 -24.08 -13.67
N ILE A 297 -0.94 -24.47 -14.02
CA ILE A 297 -2.20 -24.00 -13.42
C ILE A 297 -2.31 -24.19 -11.89
N SER A 298 -1.46 -25.05 -11.32
CA SER A 298 -1.52 -25.29 -9.89
C SER A 298 -0.50 -24.41 -9.19
N HIS A 299 0.31 -23.70 -9.97
CA HIS A 299 1.30 -22.83 -9.39
C HIS A 299 0.77 -21.40 -9.25
N ASN A 300 0.74 -20.87 -8.03
CA ASN A 300 0.46 -19.44 -7.88
C ASN A 300 1.75 -18.63 -7.93
N VAL A 301 1.98 -17.96 -9.06
CA VAL A 301 3.19 -17.16 -9.24
C VAL A 301 3.35 -16.11 -8.13
N GLY A 302 2.24 -15.68 -7.53
CA GLY A 302 2.30 -14.77 -6.40
C GLY A 302 2.43 -15.44 -5.04
N ARG A 303 2.76 -16.73 -5.01
CA ARG A 303 2.89 -17.47 -3.75
C ARG A 303 3.80 -16.76 -2.72
N THR A 304 4.71 -15.92 -3.19
CA THR A 304 5.65 -15.24 -2.32
C THR A 304 5.14 -13.91 -1.73
N VAL A 305 3.96 -13.48 -2.13
CA VAL A 305 3.49 -12.18 -1.64
C VAL A 305 2.86 -12.31 -0.24
N SER A 306 3.41 -11.57 0.71
CA SER A 306 2.84 -11.58 2.04
C SER A 306 1.74 -10.53 2.20
N SER A 307 1.10 -10.55 3.36
CA SER A 307 0.10 -9.54 3.70
C SER A 307 0.69 -8.13 3.61
N SER A 308 1.90 -7.97 4.12
CA SER A 308 2.50 -6.65 4.18
C SER A 308 3.06 -6.25 2.81
N GLY A 309 3.60 -7.23 2.09
CA GLY A 309 4.10 -7.03 0.75
C GLY A 309 2.98 -6.62 -0.18
N LEU A 310 1.79 -7.20 0.01
CA LEU A 310 0.65 -6.84 -0.84
C LEU A 310 0.18 -5.42 -0.54
N TYR A 311 0.22 -5.04 0.73
CA TYR A 311 -0.19 -3.70 1.15
C TYR A 311 0.77 -2.69 0.54
N ARG A 312 2.06 -3.01 0.53
CA ARG A 312 3.03 -2.11 -0.07
C ARG A 312 2.90 -2.07 -1.59
N ILE A 313 2.65 -3.23 -2.22
CA ILE A 313 2.43 -3.28 -3.66
C ILE A 313 1.25 -2.40 -4.08
N ARG A 314 0.12 -2.58 -3.42
CA ARG A 314 -1.09 -1.81 -3.68
C ARG A 314 -0.86 -0.32 -3.44
N GLY A 315 -0.15 0.00 -2.36
CA GLY A 315 0.23 1.37 -2.08
C GLY A 315 0.95 2.00 -3.27
N GLU A 316 1.92 1.28 -3.83
CA GLU A 316 2.65 1.80 -4.99
C GLU A 316 1.77 1.94 -6.24
N PHE A 317 0.83 1.01 -6.45
CA PHE A 317 -0.06 1.13 -7.59
C PHE A 317 -0.89 2.40 -7.47
N MET A 318 -1.39 2.67 -6.27
CA MET A 318 -2.20 3.86 -5.99
C MET A 318 -1.39 5.16 -6.16
N ALA A 319 -0.18 5.23 -5.61
CA ALA A 319 0.67 6.42 -5.80
C ALA A 319 0.98 6.68 -7.27
N ALA A 320 1.25 5.62 -8.04
CA ALA A 320 1.52 5.78 -9.46
C ALA A 320 0.29 6.34 -10.16
N SER A 321 -0.87 5.75 -9.85
CA SER A 321 -2.13 6.20 -10.40
C SER A 321 -2.35 7.68 -10.12
N ARG A 322 -2.10 8.09 -8.88
CA ARG A 322 -2.32 9.48 -8.45
C ARG A 322 -1.39 10.43 -9.16
N LEU A 323 -0.15 9.98 -9.36
CA LEU A 323 0.85 10.80 -10.02
C LEU A 323 0.33 11.12 -11.41
N LEU A 324 -0.16 10.10 -12.12
CA LEU A 324 -0.57 10.28 -13.52
C LEU A 324 -1.96 10.89 -13.70
N ASN A 325 -2.72 10.96 -12.62
CA ASN A 325 -4.04 11.56 -12.70
C ASN A 325 -3.99 13.02 -12.30
N SER A 326 -2.78 13.47 -12.00
CA SER A 326 -2.55 14.82 -11.48
C SER A 326 -3.17 15.90 -12.35
N ARG A 327 -3.59 16.97 -11.70
CA ARG A 327 -4.27 18.07 -12.34
C ARG A 327 -3.30 19.12 -12.88
N SER A 328 -2.19 19.29 -12.16
CA SER A 328 -1.20 20.32 -12.48
C SER A 328 -0.40 19.99 -13.74
N TYR A 329 0.50 20.90 -14.10
CA TYR A 329 1.50 20.63 -15.12
C TYR A 329 2.71 21.55 -14.96
N PRO A 330 3.89 21.05 -15.38
CA PRO A 330 4.00 19.68 -15.87
C PRO A 330 4.00 18.67 -14.71
N ILE A 331 3.83 17.40 -15.05
CA ILE A 331 3.84 16.35 -14.04
C ILE A 331 5.26 15.82 -13.89
N PRO A 332 5.71 15.67 -12.63
CA PRO A 332 7.07 15.21 -12.32
C PRO A 332 7.18 13.71 -12.51
N TYR A 333 7.08 13.26 -13.76
CA TYR A 333 7.07 11.83 -14.08
C TYR A 333 8.26 11.07 -13.49
N ASP A 334 9.38 11.76 -13.29
CA ASP A 334 10.59 11.12 -12.74
C ASP A 334 10.36 10.40 -11.41
N SER A 335 9.51 10.96 -10.55
CA SER A 335 9.24 10.33 -9.25
C SER A 335 8.67 8.90 -9.41
N LEU A 336 8.11 8.61 -10.56
CA LEU A 336 7.58 7.27 -10.83
C LEU A 336 8.67 6.20 -10.67
N PHE A 337 9.91 6.54 -11.02
CA PHE A 337 11.03 5.60 -10.84
C PHE A 337 12.06 6.00 -9.77
N GLU A 338 11.71 6.92 -8.88
CA GLU A 338 12.61 7.25 -7.78
C GLU A 338 12.54 6.17 -6.70
N GLU A 339 13.62 6.09 -5.92
CA GLU A 339 13.77 5.09 -4.86
C GLU A 339 12.68 5.17 -3.82
N ALA A 340 12.31 4.01 -3.29
CA ALA A 340 11.51 3.91 -2.08
C ALA A 340 10.13 4.55 -2.25
N MET B 2 0.74 -10.00 28.76
CA MET B 2 0.73 -11.36 29.32
C MET B 2 -0.16 -12.37 28.56
N SER B 3 -1.43 -12.03 28.30
CA SER B 3 -2.41 -13.00 27.79
C SER B 3 -2.86 -12.84 26.32
N HIS B 4 -2.35 -11.82 25.63
CA HIS B 4 -2.79 -11.52 24.26
C HIS B 4 -1.60 -11.43 23.30
N LYS B 5 -0.49 -12.07 23.69
CA LYS B 5 0.77 -12.01 22.93
C LYS B 5 0.65 -11.94 21.41
N GLU B 6 0.00 -12.93 20.81
CA GLU B 6 0.01 -13.05 19.36
C GLU B 6 -0.85 -12.00 18.66
N PHE B 7 -2.00 -11.68 19.26
CA PHE B 7 -2.76 -10.52 18.80
C PHE B 7 -1.91 -9.25 18.88
N THR B 8 -1.16 -9.07 19.97
CA THR B 8 -0.33 -7.88 20.14
C THR B 8 0.72 -7.77 19.03
N LYS B 9 1.32 -8.90 18.67
CA LYS B 9 2.34 -8.93 17.64
C LYS B 9 1.73 -8.50 16.30
N PHE B 10 0.55 -9.06 16.03
CA PHE B 10 -0.22 -8.67 14.85
C PHE B 10 -0.48 -7.16 14.80
N CYS B 11 -0.95 -6.61 15.92
CA CYS B 11 -1.26 -5.20 16.04
C CYS B 11 -0.05 -4.36 15.69
N TYR B 12 1.13 -4.74 16.15
CA TYR B 12 2.29 -3.91 15.86
C TYR B 12 2.73 -4.00 14.41
N GLU B 13 2.54 -5.16 13.78
CA GLU B 13 2.86 -5.31 12.36
C GLU B 13 1.96 -4.43 11.48
N VAL B 14 0.67 -4.45 11.79
CA VAL B 14 -0.30 -3.66 11.06
C VAL B 14 0.02 -2.18 11.28
N TYR B 15 0.22 -1.82 12.53
CA TYR B 15 0.57 -0.47 12.95
C TYR B 15 1.74 0.03 12.11
N ASN B 16 2.74 -0.83 11.94
CA ASN B 16 3.92 -0.47 11.17
C ASN B 16 3.62 -0.26 9.69
N GLU B 17 2.61 -0.96 9.18
CA GLU B 17 2.19 -0.77 7.79
C GLU B 17 1.38 0.51 7.53
N ILE B 18 0.53 0.90 8.47
CA ILE B 18 -0.45 1.97 8.22
C ILE B 18 -0.05 3.35 8.73
N LYS B 19 0.92 3.42 9.63
CA LYS B 19 1.29 4.68 10.23
C LYS B 19 1.95 5.57 9.19
N ILE B 20 1.79 6.88 9.37
CA ILE B 20 2.45 7.87 8.54
C ILE B 20 3.94 7.56 8.51
N SER B 21 4.49 7.43 7.30
CA SER B 21 5.93 7.25 7.16
C SER B 21 6.67 8.54 7.44
N ASP B 22 7.95 8.42 7.78
CA ASP B 22 8.77 9.59 8.05
C ASP B 22 8.94 10.43 6.79
N LYS B 23 8.94 9.80 5.63
CA LYS B 23 9.05 10.56 4.39
C LYS B 23 7.85 11.48 4.19
N GLU B 24 6.65 10.92 4.30
CA GLU B 24 5.42 11.68 4.10
C GLU B 24 5.25 12.72 5.18
N PHE B 25 5.67 12.38 6.39
CA PHE B 25 5.57 13.29 7.50
C PHE B 25 6.41 14.53 7.26
N LYS B 26 7.65 14.30 6.82
CA LYS B 26 8.58 15.39 6.52
C LYS B 26 8.08 16.23 5.37
N GLU B 27 7.50 15.59 4.36
CA GLU B 27 6.89 16.33 3.26
C GLU B 27 5.81 17.27 3.78
N LYS B 28 5.00 16.78 4.71
CA LYS B 28 3.88 17.56 5.24
C LYS B 28 4.37 18.75 6.05
N ARG B 29 5.33 18.50 6.94
CA ARG B 29 5.90 19.58 7.74
C ARG B 29 6.49 20.61 6.80
N ALA B 30 7.10 20.16 5.71
CA ALA B 30 7.70 21.06 4.71
C ALA B 30 6.67 21.96 4.04
N ALA B 31 5.52 21.40 3.68
CA ALA B 31 4.48 22.21 3.04
C ALA B 31 3.90 23.22 4.03
N LEU B 32 3.85 22.83 5.29
CA LEU B 32 3.41 23.71 6.36
C LEU B 32 4.36 24.91 6.52
N ASP B 33 5.67 24.65 6.51
CA ASP B 33 6.65 25.73 6.58
C ASP B 33 6.60 26.66 5.35
N THR B 34 6.33 26.08 4.20
CA THR B 34 6.12 26.84 2.99
C THR B 34 4.88 27.72 3.10
N LEU B 35 3.78 27.15 3.58
CA LEU B 35 2.55 27.91 3.73
C LEU B 35 2.69 29.05 4.74
N ARG B 36 3.47 28.83 5.79
CA ARG B 36 3.66 29.85 6.80
C ARG B 36 4.55 30.98 6.25
N LEU B 37 5.52 30.62 5.42
CA LEU B 37 6.35 31.60 4.76
C LEU B 37 5.49 32.53 3.92
N CYS B 38 4.52 31.96 3.20
CA CYS B 38 3.62 32.74 2.36
C CYS B 38 2.69 33.64 3.16
N LEU B 39 2.14 33.11 4.24
CA LEU B 39 1.35 33.94 5.14
C LEU B 39 2.19 35.11 5.69
N LYS B 40 3.47 34.89 5.96
CA LYS B 40 4.33 35.95 6.49
C LYS B 40 4.71 36.99 5.44
N ARG B 41 4.44 36.69 4.18
CA ARG B 41 4.66 37.69 3.16
C ARG B 41 3.49 38.69 3.08
N ILE B 42 2.34 38.32 3.63
CA ILE B 42 1.18 39.23 3.59
C ILE B 42 0.82 39.80 4.98
N SER B 43 1.16 39.08 6.04
CA SER B 43 0.99 39.61 7.39
C SER B 43 2.11 39.15 8.31
N PRO B 44 2.66 40.09 9.09
CA PRO B 44 3.69 39.73 10.07
C PRO B 44 3.06 39.31 11.39
N ASP B 45 1.80 39.64 11.59
CA ASP B 45 1.18 39.39 12.89
C ASP B 45 0.43 38.07 12.94
N ALA B 46 0.06 37.52 11.78
CA ALA B 46 -0.72 36.31 11.73
C ALA B 46 0.17 35.07 11.84
N GLU B 47 -0.36 34.03 12.47
CA GLU B 47 0.38 32.79 12.59
C GLU B 47 -0.34 31.63 11.90
N LEU B 48 0.41 30.65 11.46
CA LEU B 48 -0.17 29.46 10.86
C LEU B 48 0.28 28.26 11.66
N VAL B 49 -0.67 27.50 12.21
CA VAL B 49 -0.33 26.32 12.99
C VAL B 49 -1.12 25.10 12.58
N ALA B 50 -0.48 23.94 12.66
CA ALA B 50 -1.15 22.69 12.42
C ALA B 50 -1.94 22.25 13.65
N PHE B 51 -3.05 21.55 13.41
CA PHE B 51 -3.73 20.80 14.48
C PHE B 51 -4.21 19.46 13.93
N GLY B 52 -4.99 18.72 14.72
CA GLY B 52 -5.43 17.40 14.29
C GLY B 52 -4.29 16.39 14.30
N SER B 53 -4.42 15.33 13.51
CA SER B 53 -3.54 14.16 13.69
C SER B 53 -2.10 14.35 13.22
N LEU B 54 -1.88 15.30 12.32
CA LEU B 54 -0.52 15.61 11.92
C LEU B 54 0.27 16.25 13.06
N GLU B 55 -0.41 17.03 13.90
CA GLU B 55 0.24 17.70 15.02
C GLU B 55 0.34 16.80 16.26
N SER B 56 -0.71 16.02 16.51
CA SER B 56 -0.75 15.15 17.68
C SER B 56 0.05 13.86 17.46
N GLY B 57 0.37 13.56 16.21
CA GLY B 57 1.20 12.41 15.86
C GLY B 57 0.39 11.15 15.52
N LEU B 58 -0.94 11.28 15.54
CA LEU B 58 -1.85 10.15 15.43
C LEU B 58 -2.38 9.94 14.01
N ALA B 59 -1.53 10.13 13.01
CA ALA B 59 -1.98 10.14 11.62
C ALA B 59 -1.62 8.88 10.83
N LEU B 60 -2.52 8.48 9.95
CA LEU B 60 -2.30 7.38 9.03
C LEU B 60 -1.60 7.85 7.77
N LYS B 61 -1.08 6.91 6.98
CA LYS B 61 -0.59 7.21 5.63
C LYS B 61 -1.64 7.99 4.85
N ASN B 62 -1.18 8.98 4.08
CA ASN B 62 -2.04 9.78 3.21
C ASN B 62 -3.13 10.57 3.94
N SER B 63 -2.88 10.88 5.21
CA SER B 63 -3.85 11.65 5.99
C SER B 63 -3.90 13.07 5.46
N ASP B 64 -5.02 13.74 5.73
CA ASP B 64 -5.18 15.14 5.33
C ASP B 64 -4.54 16.04 6.37
N MET B 65 -4.19 17.26 5.95
CA MET B 65 -3.61 18.26 6.84
C MET B 65 -4.68 19.21 7.38
N ASP B 66 -4.70 19.40 8.70
CA ASP B 66 -5.50 20.45 9.30
C ASP B 66 -4.62 21.61 9.75
N LEU B 67 -4.89 22.79 9.19
CA LEU B 67 -4.15 23.98 9.56
C LEU B 67 -5.09 25.09 9.98
N CYS B 68 -4.55 26.05 10.72
CA CYS B 68 -5.34 27.13 11.27
C CYS B 68 -4.52 28.41 11.25
N VAL B 69 -5.11 29.47 10.71
CA VAL B 69 -4.48 30.79 10.74
C VAL B 69 -4.94 31.53 11.99
N LEU B 70 -3.99 32.00 12.80
CA LEU B 70 -4.32 32.81 13.97
C LEU B 70 -4.04 34.30 13.74
N MET B 71 -5.08 35.13 13.80
CA MET B 71 -4.93 36.57 13.65
C MET B 71 -6.04 37.30 14.40
N THR B 79 -10.04 39.97 3.76
CA THR B 79 -8.94 40.70 4.37
C THR B 79 -7.65 39.89 4.23
N ILE B 80 -7.09 39.49 5.37
CA ILE B 80 -5.91 38.63 5.39
C ILE B 80 -6.17 37.35 4.60
N ALA B 81 -7.29 36.71 4.88
CA ALA B 81 -7.63 35.44 4.24
C ALA B 81 -7.66 35.53 2.71
N LEU B 82 -8.36 36.53 2.19
CA LEU B 82 -8.45 36.78 0.76
C LEU B 82 -7.08 36.82 0.09
N GLN B 83 -6.21 37.70 0.57
CA GLN B 83 -4.90 37.85 -0.05
C GLN B 83 -3.98 36.65 0.22
N PHE B 84 -4.22 35.94 1.31
CA PHE B 84 -3.45 34.73 1.59
C PHE B 84 -3.73 33.69 0.50
N TYR B 85 -5.01 33.46 0.25
CA TYR B 85 -5.44 32.55 -0.80
C TYR B 85 -4.86 32.92 -2.17
N GLU B 86 -5.08 34.17 -2.58
CA GLU B 86 -4.49 34.69 -3.83
C GLU B 86 -2.98 34.45 -3.87
N GLU B 87 -2.30 34.78 -2.77
CA GLU B 87 -0.86 34.60 -2.68
C GLU B 87 -0.51 33.13 -2.90
N LEU B 88 -1.44 32.26 -2.53
CA LEU B 88 -1.25 30.81 -2.67
C LEU B 88 -1.50 30.30 -4.09
N ILE B 89 -2.63 30.66 -4.67
CA ILE B 89 -2.93 30.22 -6.02
C ILE B 89 -1.96 30.84 -7.02
N ALA B 90 -1.45 32.02 -6.68
CA ALA B 90 -0.46 32.67 -7.51
C ALA B 90 0.87 31.94 -7.39
N GLU B 91 1.20 31.52 -6.16
CA GLU B 91 2.44 30.83 -5.88
C GLU B 91 2.39 29.37 -6.34
N GLY B 92 1.38 29.04 -7.14
CA GLY B 92 1.27 27.71 -7.73
C GLY B 92 0.58 26.65 -6.88
N PHE B 93 -0.49 27.04 -6.20
CA PHE B 93 -1.28 26.10 -5.41
C PHE B 93 -2.66 25.90 -6.03
N GLU B 94 -3.24 24.74 -5.76
CA GLU B 94 -4.57 24.38 -6.27
C GLU B 94 -5.57 24.36 -5.12
N GLY B 95 -6.69 25.04 -5.28
CA GLY B 95 -7.71 24.99 -4.26
C GLY B 95 -8.77 26.04 -4.44
N LYS B 96 -9.68 26.12 -3.48
CA LYS B 96 -10.76 27.09 -3.50
C LYS B 96 -10.93 27.74 -2.13
N PHE B 97 -11.31 29.02 -2.14
CA PHE B 97 -11.51 29.76 -0.91
C PHE B 97 -13.00 29.83 -0.57
N LEU B 98 -13.43 28.95 0.32
CA LEU B 98 -14.84 28.91 0.72
C LEU B 98 -15.11 29.96 1.79
N GLN B 99 -15.27 31.21 1.37
CA GLN B 99 -15.38 32.31 2.34
C GLN B 99 -16.77 32.54 2.91
N ARG B 100 -16.98 33.76 3.43
CA ARG B 100 -18.21 34.11 4.12
C ARG B 100 -18.31 33.33 5.44
N PRO B 104 -15.87 29.81 6.32
CA PRO B 104 -14.57 30.44 6.06
C PRO B 104 -13.42 29.42 6.13
N ILE B 105 -13.07 28.85 4.97
CA ILE B 105 -12.06 27.81 4.90
C ILE B 105 -11.31 27.86 3.57
N ILE B 106 -10.00 27.66 3.61
CA ILE B 106 -9.26 27.47 2.37
C ILE B 106 -9.00 25.98 2.19
N LYS B 107 -9.53 25.41 1.12
CA LYS B 107 -9.37 23.99 0.84
C LYS B 107 -8.38 23.86 -0.30
N LEU B 108 -7.17 23.40 0.04
CA LEU B 108 -6.13 23.15 -0.95
C LEU B 108 -6.13 21.65 -1.28
N THR B 109 -5.85 21.32 -2.54
CA THR B 109 -5.95 19.94 -2.99
C THR B 109 -4.74 19.52 -3.80
N SER B 110 -3.95 20.49 -4.26
CA SER B 110 -2.77 20.18 -5.05
C SER B 110 -1.72 21.29 -5.03
N ASP B 111 -0.62 21.03 -5.74
CA ASP B 111 0.52 21.93 -5.78
C ASP B 111 1.27 21.81 -7.11
N THR B 112 1.11 22.79 -7.99
CA THR B 112 1.62 22.71 -9.36
C THR B 112 3.11 22.98 -9.46
N LYS B 113 3.71 23.43 -8.36
CA LYS B 113 5.10 23.87 -8.38
C LYS B 113 5.97 23.27 -7.27
N ASN B 114 5.77 23.75 -6.05
CA ASN B 114 6.58 23.34 -4.89
C ASN B 114 6.91 21.84 -4.83
N GLY B 115 6.05 21.02 -5.42
CA GLY B 115 6.26 19.58 -5.41
C GLY B 115 5.81 18.94 -4.10
N PHE B 116 4.49 18.89 -3.89
CA PHE B 116 3.92 18.26 -2.70
C PHE B 116 2.80 17.28 -3.11
N GLY B 117 2.80 16.90 -4.37
CA GLY B 117 1.85 15.93 -4.90
C GLY B 117 0.48 16.49 -5.23
N ALA B 118 -0.20 15.83 -6.17
CA ALA B 118 -1.61 16.11 -6.43
C ALA B 118 -2.43 15.36 -5.37
N SER B 119 -1.71 14.88 -4.35
CA SER B 119 -2.29 14.17 -3.22
C SER B 119 -2.10 14.98 -1.93
N PHE B 120 -2.12 16.30 -2.09
CA PHE B 120 -1.85 17.23 -0.99
C PHE B 120 -3.15 17.90 -0.53
N GLN B 121 -4.03 17.12 0.08
CA GLN B 121 -5.30 17.64 0.57
C GLN B 121 -5.16 18.31 1.94
N CYS B 122 -5.32 19.64 1.96
CA CYS B 122 -5.05 20.42 3.16
C CYS B 122 -6.14 21.48 3.41
N ASP B 123 -6.62 21.57 4.66
CA ASP B 123 -7.66 22.55 5.00
C ASP B 123 -7.16 23.60 5.98
N ILE B 124 -7.35 24.87 5.61
CA ILE B 124 -6.90 26.00 6.43
C ILE B 124 -8.09 26.78 6.99
N GLY B 125 -8.34 26.64 8.29
CA GLY B 125 -9.37 27.39 8.96
C GLY B 125 -8.87 28.72 9.51
N PHE B 126 -9.74 29.43 10.20
CA PHE B 126 -9.38 30.72 10.76
C PHE B 126 -9.75 30.85 12.23
N ASN B 127 -8.75 31.04 13.08
CA ASN B 127 -8.94 31.12 14.52
C ASN B 127 -9.78 29.98 15.13
N ASN B 128 -9.48 28.73 14.79
CA ASN B 128 -10.14 27.58 15.40
C ASN B 128 -9.33 27.21 16.64
N ARG B 129 -9.46 28.01 17.68
CA ARG B 129 -8.56 27.90 18.81
C ARG B 129 -8.87 26.71 19.71
N LEU B 130 -10.15 26.36 19.81
CA LEU B 130 -10.55 25.16 20.56
C LEU B 130 -9.87 23.90 19.99
N ALA B 131 -9.83 23.76 18.66
CA ALA B 131 -9.22 22.59 18.03
C ALA B 131 -7.73 22.53 18.32
N ILE B 132 -7.09 23.69 18.37
CA ILE B 132 -5.67 23.73 18.71
C ILE B 132 -5.50 23.22 20.13
N HIS B 133 -6.41 23.58 21.01
CA HIS B 133 -6.30 23.14 22.40
C HIS B 133 -6.65 21.66 22.64
N ASN B 134 -7.69 21.16 21.98
CA ASN B 134 -7.99 19.75 22.14
C ASN B 134 -6.89 18.93 21.48
N THR B 135 -6.27 19.47 20.43
CA THR B 135 -5.13 18.79 19.83
C THR B 135 -3.94 18.76 20.81
N LEU B 136 -3.79 19.82 21.59
CA LEU B 136 -2.74 19.84 22.63
C LEU B 136 -2.97 18.77 23.69
N LEU B 137 -4.24 18.58 24.05
CA LEU B 137 -4.63 17.53 24.94
C LEU B 137 -4.22 16.15 24.39
N LEU B 138 -4.57 15.88 23.12
CA LEU B 138 -4.28 14.56 22.53
C LEU B 138 -2.78 14.33 22.49
N SER B 139 -2.03 15.35 22.07
CA SER B 139 -0.58 15.24 21.98
C SER B 139 0.03 14.91 23.34
N SER B 140 -0.53 15.52 24.40
CA SER B 140 -0.05 15.30 25.75
C SER B 140 -0.22 13.84 26.13
N TYR B 141 -1.40 13.29 25.84
CA TYR B 141 -1.64 11.89 26.10
C TYR B 141 -0.70 10.96 25.30
N THR B 142 -0.40 11.31 24.06
CA THR B 142 0.45 10.41 23.29
C THR B 142 1.86 10.43 23.86
N LYS B 143 2.26 11.56 24.47
CA LYS B 143 3.55 11.65 25.14
C LYS B 143 3.60 10.82 26.43
N LEU B 144 2.48 10.73 27.15
CA LEU B 144 2.45 10.00 28.42
C LEU B 144 2.64 8.47 28.29
N ASP B 145 2.12 7.89 27.22
CA ASP B 145 2.20 6.45 27.02
C ASP B 145 2.21 6.08 25.53
N ALA B 146 3.20 5.29 25.14
CA ALA B 146 3.44 4.99 23.72
C ALA B 146 2.50 3.93 23.18
N ARG B 147 1.64 3.43 24.05
CA ARG B 147 0.59 2.52 23.60
C ARG B 147 -0.55 3.26 22.90
N LEU B 148 -0.77 4.52 23.30
CA LEU B 148 -1.92 5.27 22.80
C LEU B 148 -1.86 5.43 21.28
N LYS B 149 -0.71 5.83 20.74
CA LYS B 149 -0.60 6.04 19.29
C LYS B 149 -0.97 4.82 18.41
N PRO B 150 -0.31 3.67 18.60
CA PRO B 150 -0.73 2.51 17.81
C PRO B 150 -2.20 2.11 18.07
N MET B 151 -2.65 2.23 19.31
CA MET B 151 -4.04 1.88 19.57
C MET B 151 -4.98 2.73 18.69
N VAL B 152 -4.75 4.04 18.72
CA VAL B 152 -5.58 4.97 17.96
C VAL B 152 -5.52 4.72 16.45
N LEU B 153 -4.33 4.48 15.92
CA LEU B 153 -4.23 4.25 14.47
C LEU B 153 -4.99 3.00 14.09
N LEU B 154 -4.88 1.95 14.90
CA LEU B 154 -5.53 0.68 14.60
C LEU B 154 -7.05 0.83 14.62
N VAL B 155 -7.57 1.49 15.65
CA VAL B 155 -8.99 1.82 15.75
C VAL B 155 -9.49 2.62 14.55
N LYS B 156 -8.67 3.57 14.08
CA LYS B 156 -9.08 4.43 12.97
C LYS B 156 -9.12 3.65 11.66
N HIS B 157 -8.15 2.75 11.50
CA HIS B 157 -8.02 1.90 10.33
C HIS B 157 -9.24 0.97 10.24
N TRP B 158 -9.54 0.31 11.35
CA TRP B 158 -10.77 -0.44 11.57
C TRP B 158 -12.02 0.32 11.14
N ALA B 159 -12.21 1.51 11.71
CA ALA B 159 -13.39 2.31 11.42
C ALA B 159 -13.54 2.69 9.94
N LYS B 160 -12.42 2.96 9.28
CA LYS B 160 -12.44 3.31 7.85
C LYS B 160 -12.81 2.08 7.03
N ARG B 161 -12.13 0.97 7.30
CA ARG B 161 -12.37 -0.28 6.60
C ARG B 161 -13.79 -0.80 6.80
N LYS B 162 -14.33 -0.62 8.00
CA LYS B 162 -15.69 -1.07 8.29
C LYS B 162 -16.72 -0.04 7.86
N GLN B 163 -16.26 1.07 7.31
CA GLN B 163 -17.17 2.12 6.87
C GLN B 163 -17.98 2.75 8.00
N ILE B 164 -17.37 2.94 9.15
CA ILE B 164 -18.10 3.59 10.23
C ILE B 164 -17.41 4.89 10.66
N ASN B 165 -16.65 5.46 9.74
CA ASN B 165 -15.92 6.72 9.93
C ASN B 165 -16.40 7.74 8.91
N SER B 166 -17.72 7.91 8.79
CA SER B 166 -18.31 8.85 7.83
C SER B 166 -19.34 9.77 8.47
N PRO B 167 -18.88 10.88 9.05
CA PRO B 167 -19.78 11.85 9.68
C PRO B 167 -20.88 12.30 8.74
N TYR B 168 -20.57 12.41 7.46
CA TYR B 168 -21.54 12.90 6.49
C TYR B 168 -22.57 11.86 6.12
N PHE B 169 -22.44 10.66 6.67
CA PHE B 169 -23.39 9.61 6.33
C PHE B 169 -23.94 8.88 7.56
N GLY B 170 -23.92 9.55 8.71
CA GLY B 170 -24.56 9.03 9.90
C GLY B 170 -23.66 8.27 10.84
N THR B 171 -22.37 8.14 10.52
CA THR B 171 -21.39 7.57 11.44
C THR B 171 -20.48 8.63 12.12
N LEU B 172 -19.27 8.24 12.53
CA LEU B 172 -18.49 9.03 13.50
C LEU B 172 -17.16 9.54 12.94
N SER B 173 -16.82 10.79 13.26
CA SER B 173 -15.50 11.32 12.88
C SER B 173 -14.35 10.57 13.57
N SER B 174 -13.16 10.62 12.98
CA SER B 174 -11.95 10.09 13.59
C SER B 174 -11.71 10.64 15.00
N TYR B 175 -11.96 11.94 15.16
CA TYR B 175 -11.80 12.60 16.44
C TYR B 175 -12.72 11.98 17.48
N GLY B 176 -13.94 11.63 17.07
CA GLY B 176 -14.88 10.92 17.93
C GLY B 176 -14.32 9.60 18.44
N TYR B 177 -13.70 8.82 17.55
CA TYR B 177 -13.07 7.56 17.95
C TYR B 177 -11.88 7.80 18.89
N VAL B 178 -11.16 8.90 18.71
CA VAL B 178 -10.00 9.16 19.55
C VAL B 178 -10.50 9.44 20.96
N LEU B 179 -11.59 10.16 21.07
CA LEU B 179 -12.15 10.44 22.37
C LEU B 179 -12.71 9.17 22.99
N MET B 180 -13.22 8.25 22.18
CA MET B 180 -13.69 6.99 22.76
C MET B 180 -12.53 6.19 23.35
N VAL B 181 -11.43 6.13 22.61
CA VAL B 181 -10.22 5.50 23.12
C VAL B 181 -9.80 6.15 24.45
N LEU B 182 -9.55 7.45 24.43
CA LEU B 182 -9.09 8.15 25.62
C LEU B 182 -10.00 7.90 26.81
N TYR B 183 -11.31 7.97 26.58
CA TYR B 183 -12.27 7.76 27.66
C TYR B 183 -12.14 6.36 28.25
N TYR B 184 -11.92 5.36 27.39
CA TYR B 184 -11.75 3.98 27.85
C TYR B 184 -10.49 3.81 28.72
N LEU B 185 -9.39 4.36 28.23
CA LEU B 185 -8.06 4.32 28.85
C LEU B 185 -7.96 5.10 30.17
N ILE B 186 -8.77 6.14 30.32
CA ILE B 186 -8.75 6.98 31.51
C ILE B 186 -9.75 6.50 32.57
N HIS B 187 -10.99 6.29 32.14
CA HIS B 187 -12.09 6.09 33.08
C HIS B 187 -12.73 4.70 33.12
N VAL B 188 -12.38 3.83 32.19
CA VAL B 188 -13.00 2.50 32.23
C VAL B 188 -12.03 1.42 32.74
N ILE B 189 -10.90 1.30 32.07
CA ILE B 189 -9.94 0.28 32.43
C ILE B 189 -9.37 0.53 33.83
N LYS B 190 -9.21 -0.56 34.58
CA LYS B 190 -8.68 -0.53 35.93
C LYS B 190 -7.54 -1.54 35.96
N PRO B 191 -6.35 -1.10 36.38
CA PRO B 191 -6.13 0.30 36.72
C PRO B 191 -6.06 1.16 35.46
N PRO B 192 -6.19 2.48 35.62
CA PRO B 192 -6.14 3.41 34.49
C PRO B 192 -4.80 3.35 33.75
N VAL B 193 -4.79 3.54 32.43
CA VAL B 193 -3.51 3.73 31.77
C VAL B 193 -3.06 5.18 31.94
N PHE B 194 -4.04 6.10 31.89
CA PHE B 194 -3.84 7.55 32.03
C PHE B 194 -4.66 8.12 33.15
N PRO B 195 -4.14 9.14 33.83
CA PRO B 195 -5.05 9.95 34.65
C PRO B 195 -5.80 10.94 33.75
N ASN B 196 -6.84 11.57 34.31
CA ASN B 196 -7.56 12.62 33.61
C ASN B 196 -6.88 13.97 33.83
N LEU B 197 -6.19 14.48 32.81
CA LEU B 197 -5.49 15.77 32.94
C LEU B 197 -6.37 17.03 33.22
N LEU B 198 -7.65 16.99 32.86
CA LEU B 198 -8.53 18.11 33.22
C LEU B 198 -8.80 18.17 34.73
N LEU B 199 -8.75 17.01 35.39
CA LEU B 199 -9.09 16.92 36.80
C LEU B 199 -7.85 16.80 37.69
N SER B 200 -6.69 17.08 37.12
CA SER B 200 -5.46 17.15 37.91
C SER B 200 -5.48 18.36 38.84
N PRO B 201 -4.98 18.18 40.07
CA PRO B 201 -4.99 19.30 41.03
C PRO B 201 -4.14 20.47 40.53
N LEU B 202 -3.20 20.21 39.62
CA LEU B 202 -2.35 21.26 39.03
C LEU B 202 -3.01 21.96 37.83
N LYS B 203 -4.18 21.51 37.43
CA LYS B 203 -4.85 22.13 36.28
C LYS B 203 -5.23 23.55 36.63
N GLN B 204 -5.01 24.46 35.68
CA GLN B 204 -5.35 25.86 35.85
C GLN B 204 -6.41 26.28 34.83
N GLU B 205 -7.39 27.07 35.28
CA GLU B 205 -8.42 27.58 34.37
C GLU B 205 -7.78 28.41 33.28
N LYS B 206 -8.26 28.23 32.06
CA LYS B 206 -7.82 29.03 30.94
C LYS B 206 -9.00 29.15 30.00
N ILE B 207 -9.48 30.38 29.82
CA ILE B 207 -10.68 30.63 29.01
C ILE B 207 -10.33 31.00 27.57
N VAL B 208 -10.85 30.22 26.63
CA VAL B 208 -10.68 30.48 25.20
C VAL B 208 -12.05 30.29 24.54
N ASP B 209 -12.50 31.32 23.81
CA ASP B 209 -13.85 31.34 23.21
C ASP B 209 -14.94 30.91 24.18
N GLY B 210 -14.82 31.35 25.43
CA GLY B 210 -15.86 31.10 26.41
C GLY B 210 -15.83 29.70 27.01
N PHE B 211 -14.79 28.94 26.71
CA PHE B 211 -14.65 27.62 27.32
C PHE B 211 -13.33 27.47 28.07
N ASP B 212 -13.34 26.66 29.11
CA ASP B 212 -12.14 26.36 29.84
C ASP B 212 -11.39 25.25 29.12
N VAL B 213 -10.25 25.58 28.50
CA VAL B 213 -9.43 24.57 27.84
C VAL B 213 -8.24 24.19 28.72
N GLY B 214 -8.30 24.58 29.99
CA GLY B 214 -7.22 24.29 30.92
C GLY B 214 -7.08 22.81 31.21
N PHE B 215 -5.83 22.35 31.25
CA PHE B 215 -5.51 20.99 31.72
C PHE B 215 -4.04 20.92 32.13
N ASP B 216 -3.69 19.91 32.91
CA ASP B 216 -2.30 19.75 33.33
C ASP B 216 -1.41 19.26 32.18
N ASP B 217 -0.54 20.13 31.67
CA ASP B 217 0.36 19.72 30.60
C ASP B 217 1.82 19.60 31.05
N LYS B 218 2.02 19.56 32.37
CA LYS B 218 3.34 19.31 32.93
C LYS B 218 3.51 17.81 33.16
N LEU B 219 3.56 17.07 32.07
CA LEU B 219 3.63 15.62 32.13
C LEU B 219 4.81 15.15 32.97
N GLU B 220 5.75 16.06 33.22
CA GLU B 220 6.95 15.75 33.98
C GLU B 220 6.62 15.06 35.30
N ASP B 221 5.56 15.53 35.95
CA ASP B 221 5.25 15.12 37.31
C ASP B 221 4.03 14.22 37.43
N ILE B 222 3.64 13.62 36.30
CA ILE B 222 2.61 12.59 36.29
C ILE B 222 3.25 11.26 36.70
N PRO B 223 2.57 10.51 37.58
CA PRO B 223 3.12 9.18 37.94
C PRO B 223 3.04 8.21 36.76
N PRO B 224 3.94 7.21 36.72
CA PRO B 224 3.93 6.21 35.65
C PRO B 224 2.62 5.43 35.68
N SER B 225 2.21 4.85 34.56
CA SER B 225 1.00 4.03 34.54
C SER B 225 1.16 2.77 35.39
N GLN B 226 0.17 2.47 36.23
CA GLN B 226 0.14 1.22 36.97
C GLN B 226 -0.46 0.11 36.11
N ASN B 227 -0.87 0.46 34.91
CA ASN B 227 -1.48 -0.52 34.04
C ASN B 227 -0.48 -1.05 33.01
N TYR B 228 -0.24 -2.37 33.07
CA TYR B 228 0.77 -3.04 32.25
C TYR B 228 0.21 -3.86 31.09
N SER B 229 -1.06 -3.67 30.75
CA SER B 229 -1.63 -4.39 29.63
C SER B 229 -0.88 -4.17 28.33
N SER B 230 -0.92 -5.18 27.48
CA SER B 230 -0.31 -5.10 26.17
C SER B 230 -1.26 -4.33 25.25
N LEU B 231 -0.75 -3.92 24.10
CA LEU B 231 -1.57 -3.22 23.12
C LEU B 231 -2.79 -4.08 22.75
N GLY B 232 -2.55 -5.38 22.58
CA GLY B 232 -3.59 -6.32 22.24
C GLY B 232 -4.68 -6.40 23.31
N SER B 233 -4.30 -6.41 24.58
CA SER B 233 -5.28 -6.44 25.66
C SER B 233 -6.11 -5.15 25.69
N LEU B 234 -5.45 -4.02 25.49
CA LEU B 234 -6.14 -2.73 25.56
C LEU B 234 -7.21 -2.64 24.49
N LEU B 235 -6.84 -3.01 23.27
CA LEU B 235 -7.74 -3.03 22.13
C LEU B 235 -8.90 -4.00 22.33
N HIS B 236 -8.59 -5.16 22.91
CA HIS B 236 -9.63 -6.14 23.22
C HIS B 236 -10.67 -5.57 24.17
N GLY B 237 -10.20 -5.10 25.33
CA GLY B 237 -11.07 -4.46 26.29
C GLY B 237 -11.88 -3.29 25.72
N PHE B 238 -11.28 -2.51 24.83
CA PHE B 238 -11.97 -1.35 24.23
C PHE B 238 -13.15 -1.79 23.37
N PHE B 239 -12.88 -2.73 22.47
CA PHE B 239 -13.91 -3.32 21.62
C PHE B 239 -15.06 -3.90 22.44
N ARG B 240 -14.72 -4.63 23.51
CA ARG B 240 -15.76 -5.24 24.34
C ARG B 240 -16.56 -4.22 25.15
N PHE B 241 -15.90 -3.17 25.64
CA PHE B 241 -16.59 -2.14 26.37
C PHE B 241 -17.65 -1.48 25.51
N TYR B 242 -17.28 -1.08 24.30
CA TYR B 242 -18.28 -0.41 23.48
C TYR B 242 -19.29 -1.39 22.83
N ALA B 243 -18.94 -2.66 22.78
CA ALA B 243 -19.83 -3.69 22.25
C ALA B 243 -20.94 -4.02 23.21
N TYR B 244 -20.59 -4.19 24.49
CA TYR B 244 -21.44 -4.90 25.45
C TYR B 244 -21.76 -4.11 26.73
N LYS B 245 -20.93 -3.14 27.07
CA LYS B 245 -21.03 -2.52 28.38
C LYS B 245 -21.51 -1.07 28.31
N PHE B 246 -20.94 -0.28 27.43
CA PHE B 246 -21.36 1.13 27.31
C PHE B 246 -22.83 1.16 26.92
N GLU B 247 -23.62 1.98 27.60
CA GLU B 247 -25.04 2.12 27.23
C GLU B 247 -25.34 3.45 26.53
N PRO B 248 -25.29 3.45 25.19
CA PRO B 248 -25.42 4.69 24.39
C PRO B 248 -26.78 5.41 24.52
N ARG B 249 -27.82 4.69 24.90
CA ARG B 249 -29.13 5.33 25.06
C ARG B 249 -29.18 6.15 26.33
N GLU B 250 -28.33 5.81 27.28
CA GLU B 250 -28.39 6.36 28.63
C GLU B 250 -27.19 7.24 29.02
N LYS B 251 -26.00 6.94 28.50
CA LYS B 251 -24.79 7.59 29.01
C LYS B 251 -24.03 8.49 28.03
N VAL B 252 -23.22 9.37 28.62
CA VAL B 252 -22.38 10.30 27.88
C VAL B 252 -20.91 10.00 28.08
N VAL B 253 -20.17 9.90 26.99
CA VAL B 253 -18.71 9.82 27.07
C VAL B 253 -18.23 11.21 27.51
N THR B 254 -17.53 11.27 28.64
CA THR B 254 -17.22 12.57 29.24
C THR B 254 -15.86 12.58 29.92
N PHE B 255 -15.25 13.76 29.98
CA PHE B 255 -13.96 13.91 30.65
C PHE B 255 -14.08 14.87 31.82
N ARG B 256 -15.31 15.19 32.20
CA ARG B 256 -15.54 16.22 33.20
C ARG B 256 -15.97 15.64 34.55
N ARG B 257 -15.91 14.32 34.68
CA ARG B 257 -16.28 13.65 35.93
C ARG B 257 -15.23 12.66 36.44
N PRO B 258 -14.99 12.63 37.77
CA PRO B 258 -13.96 11.78 38.38
C PRO B 258 -14.16 10.29 38.08
N ASP B 259 -15.40 9.83 38.07
CA ASP B 259 -15.69 8.44 37.76
C ASP B 259 -16.12 8.24 36.30
N GLY B 260 -16.05 9.30 35.49
CA GLY B 260 -16.50 9.22 34.12
C GLY B 260 -17.98 8.90 33.95
N TYR B 261 -18.76 9.17 34.99
CA TYR B 261 -20.19 8.87 34.98
C TYR B 261 -21.06 10.08 34.69
N LEU B 262 -21.79 10.03 33.57
CA LEU B 262 -22.64 11.13 33.13
C LEU B 262 -23.79 10.59 32.28
N THR B 263 -25.02 10.84 32.72
CA THR B 263 -26.18 10.39 31.98
C THR B 263 -26.67 11.48 31.04
N LYS B 264 -27.42 11.08 30.01
CA LYS B 264 -27.96 12.06 29.07
C LYS B 264 -28.95 13.02 29.75
N GLN B 265 -29.74 12.48 30.68
CA GLN B 265 -30.71 13.30 31.40
C GLN B 265 -30.08 14.51 32.12
N GLU B 266 -28.98 14.30 32.83
CA GLU B 266 -28.28 15.41 33.48
C GLU B 266 -27.86 16.40 32.43
N LYS B 267 -27.25 15.88 31.38
CA LYS B 267 -26.66 16.71 30.35
C LYS B 267 -27.72 17.50 29.59
N GLY B 268 -28.97 17.07 29.68
CA GLY B 268 -30.05 17.67 28.91
C GLY B 268 -29.82 17.38 27.44
N TRP B 269 -29.41 16.15 27.16
CA TRP B 269 -29.04 15.73 25.80
C TRP B 269 -29.86 14.53 25.37
N THR B 270 -31.14 14.58 25.66
CA THR B 270 -32.09 13.58 25.22
C THR B 270 -32.59 13.97 23.83
N SER B 271 -32.43 13.06 22.86
CA SER B 271 -32.66 13.41 21.46
C SER B 271 -34.15 13.38 21.10
N ARG B 286 -28.27 16.40 17.22
CA ARG B 286 -28.48 14.95 17.32
C ARG B 286 -27.69 14.25 18.44
N TYR B 287 -28.35 13.38 19.20
CA TYR B 287 -27.75 12.76 20.39
C TYR B 287 -27.87 11.23 20.56
N ILE B 288 -28.01 10.49 19.46
CA ILE B 288 -28.04 9.03 19.55
C ILE B 288 -26.76 8.48 20.24
N LEU B 289 -25.60 9.01 19.83
CA LEU B 289 -24.33 8.70 20.49
C LEU B 289 -23.75 9.96 21.10
N ALA B 290 -23.74 10.01 22.43
CA ALA B 290 -23.31 11.21 23.15
C ALA B 290 -21.84 11.14 23.55
N ILE B 291 -21.03 11.95 22.87
CA ILE B 291 -19.64 12.16 23.27
C ILE B 291 -19.43 13.66 23.51
N GLU B 292 -19.30 14.04 24.78
CA GLU B 292 -19.05 15.41 25.18
C GLU B 292 -17.59 15.84 24.94
N ASP B 293 -17.39 16.89 24.15
CA ASP B 293 -16.05 17.43 23.95
C ASP B 293 -15.47 17.79 25.30
N PRO B 294 -14.20 17.44 25.53
CA PRO B 294 -13.64 17.72 26.86
C PRO B 294 -13.59 19.22 27.16
N PHE B 295 -13.52 20.07 26.13
CA PHE B 295 -13.41 21.53 26.31
C PHE B 295 -14.68 22.30 25.92
N GLU B 296 -15.10 22.13 24.66
CA GLU B 296 -16.32 22.74 24.17
C GLU B 296 -17.52 21.90 24.58
N ILE B 297 -17.90 22.11 25.84
CA ILE B 297 -18.74 21.22 26.61
C ILE B 297 -20.16 21.09 26.05
N SER B 298 -20.57 22.04 25.23
CA SER B 298 -21.90 22.06 24.64
C SER B 298 -21.90 21.33 23.30
N HIS B 299 -20.73 20.89 22.86
CA HIS B 299 -20.65 20.21 21.58
C HIS B 299 -20.62 18.70 21.77
N ASN B 300 -21.55 18.02 21.10
CA ASN B 300 -21.57 16.57 21.03
C ASN B 300 -20.79 16.11 19.81
N VAL B 301 -19.59 15.62 20.03
CA VAL B 301 -18.76 15.12 18.94
C VAL B 301 -19.52 14.02 18.16
N GLY B 302 -20.46 13.36 18.83
CA GLY B 302 -21.23 12.31 18.19
C GLY B 302 -22.52 12.77 17.52
N ARG B 303 -22.70 14.08 17.36
CA ARG B 303 -23.92 14.65 16.75
C ARG B 303 -24.27 14.13 15.35
N THR B 304 -23.26 13.71 14.58
CA THR B 304 -23.48 13.22 13.23
C THR B 304 -24.05 11.80 13.20
N VAL B 305 -24.02 11.10 14.33
CA VAL B 305 -24.40 9.69 14.37
C VAL B 305 -25.92 9.46 14.38
N SER B 306 -26.42 8.80 13.35
CA SER B 306 -27.83 8.44 13.27
C SER B 306 -28.11 7.10 13.95
N SER B 307 -29.39 6.77 14.08
CA SER B 307 -29.79 5.49 14.64
C SER B 307 -29.18 4.33 13.88
N SER B 308 -29.24 4.38 12.55
CA SER B 308 -28.70 3.27 11.77
C SER B 308 -27.16 3.27 11.76
N GLY B 309 -26.55 4.45 11.81
CA GLY B 309 -25.11 4.55 11.97
C GLY B 309 -24.66 3.93 13.27
N LEU B 310 -25.32 4.28 14.36
CA LEU B 310 -24.99 3.68 15.66
C LEU B 310 -25.24 2.19 15.66
N TYR B 311 -26.20 1.74 14.85
CA TYR B 311 -26.52 0.34 14.74
C TYR B 311 -25.36 -0.46 14.15
N ARG B 312 -24.78 0.06 13.08
CA ARG B 312 -23.69 -0.60 12.41
C ARG B 312 -22.35 -0.40 13.15
N ILE B 313 -22.20 0.72 13.86
CA ILE B 313 -21.04 0.93 14.72
C ILE B 313 -21.02 -0.09 15.85
N ARG B 314 -22.14 -0.17 16.55
CA ARG B 314 -22.31 -1.17 17.61
C ARG B 314 -22.12 -2.60 17.08
N GLY B 315 -22.64 -2.87 15.88
CA GLY B 315 -22.47 -4.15 15.23
C GLY B 315 -21.03 -4.49 14.92
N GLU B 316 -20.24 -3.50 14.54
CA GLU B 316 -18.82 -3.72 14.30
C GLU B 316 -18.06 -3.94 15.61
N PHE B 317 -18.47 -3.23 16.66
CA PHE B 317 -17.88 -3.47 17.97
C PHE B 317 -18.13 -4.91 18.45
N MET B 318 -19.32 -5.42 18.16
CA MET B 318 -19.66 -6.77 18.59
C MET B 318 -18.93 -7.80 17.74
N ALA B 319 -18.87 -7.56 16.43
CA ALA B 319 -18.13 -8.43 15.53
C ALA B 319 -16.65 -8.52 15.94
N ALA B 320 -16.11 -7.41 16.43
CA ALA B 320 -14.70 -7.36 16.81
C ALA B 320 -14.50 -8.14 18.12
N SER B 321 -15.38 -7.90 19.08
CA SER B 321 -15.35 -8.65 20.34
C SER B 321 -15.42 -10.16 20.11
N ARG B 322 -16.38 -10.59 19.31
CA ARG B 322 -16.56 -11.98 18.90
C ARG B 322 -15.29 -12.53 18.29
N LEU B 323 -14.71 -11.82 17.33
CA LEU B 323 -13.49 -12.30 16.69
C LEU B 323 -12.39 -12.55 17.72
N LEU B 324 -12.27 -11.65 18.70
CA LEU B 324 -11.18 -11.74 19.68
C LEU B 324 -11.44 -12.76 20.78
N ASN B 325 -12.70 -13.12 20.97
CA ASN B 325 -13.07 -14.08 22.00
C ASN B 325 -13.39 -15.45 21.42
N SER B 326 -12.71 -15.77 20.33
CA SER B 326 -12.92 -17.02 19.61
C SER B 326 -12.45 -18.22 20.42
N ARG B 327 -13.22 -19.30 20.37
CA ARG B 327 -12.86 -20.55 21.03
C ARG B 327 -11.69 -21.20 20.29
N SER B 328 -11.56 -20.92 19.01
CA SER B 328 -10.54 -21.58 18.22
C SER B 328 -9.26 -20.75 18.08
N TYR B 329 -8.31 -21.28 17.32
CA TYR B 329 -6.99 -20.68 17.14
C TYR B 329 -6.21 -21.54 16.14
N PRO B 330 -5.26 -20.92 15.43
CA PRO B 330 -4.91 -19.49 15.53
C PRO B 330 -6.04 -18.60 15.03
N ILE B 331 -6.36 -17.55 15.79
CA ILE B 331 -7.42 -16.64 15.40
C ILE B 331 -7.00 -15.88 14.15
N PRO B 332 -7.89 -15.76 13.17
CA PRO B 332 -7.61 -15.03 11.92
C PRO B 332 -7.81 -13.52 12.11
N TYR B 333 -6.77 -12.84 12.60
CA TYR B 333 -6.89 -11.42 12.94
C TYR B 333 -7.12 -10.48 11.76
N ASP B 334 -6.69 -10.85 10.55
CA ASP B 334 -6.77 -9.95 9.41
C ASP B 334 -8.21 -9.52 9.11
N SER B 335 -9.17 -10.28 9.61
CA SER B 335 -10.57 -10.03 9.28
C SER B 335 -11.10 -8.84 10.08
N LEU B 336 -10.34 -8.46 11.10
CA LEU B 336 -10.62 -7.27 11.89
C LEU B 336 -10.48 -6.03 11.02
N PHE B 337 -9.68 -6.14 9.96
CA PHE B 337 -9.41 -5.00 9.10
C PHE B 337 -9.93 -5.16 7.68
N GLU B 338 -10.61 -6.26 7.38
CA GLU B 338 -11.19 -6.46 6.05
C GLU B 338 -12.24 -5.41 5.75
N GLU B 339 -12.22 -4.90 4.51
CA GLU B 339 -13.11 -3.82 4.09
C GLU B 339 -14.59 -4.20 4.22
N ALA B 340 -15.46 -3.20 4.12
CA ALA B 340 -16.91 -3.39 4.24
C ALA B 340 -17.27 -4.02 5.58
PA UTP C . 12.12 -13.73 -13.57
O1A UTP C . 13.44 -13.55 -13.09
O2A UTP C . 11.15 -13.31 -12.51
O3A UTP C . 11.78 -13.02 -14.90
O5' UTP C . 11.90 -15.26 -13.95
PB UTP C . 12.63 -11.90 -15.62
O1B UTP C . 13.73 -12.50 -16.45
O2B UTP C . 11.72 -11.18 -16.62
O3B UTP C . 13.12 -10.95 -14.43
PG UTP C . 14.44 -10.08 -14.41
O1G UTP C . 14.42 -9.21 -13.08
O2G UTP C . 14.48 -9.23 -15.64
O3G UTP C . 15.69 -10.94 -14.37
C5' UTP C . 12.51 -15.75 -15.10
C4' UTP C . 11.85 -16.92 -15.74
O4' UTP C . 11.59 -17.90 -14.80
C1' UTP C . 10.44 -18.58 -15.20
C2' UTP C . 9.89 -17.82 -16.37
O2' UTP C . 10.22 -18.46 -17.57
C3' UTP C . 10.50 -16.57 -16.22
O3' UTP C . 10.52 -15.74 -17.41
N1 UTP C . 9.53 -18.58 -14.04
C6 UTP C . 9.79 -17.71 -13.05
C2 UTP C . 8.47 -19.38 -13.95
O2 UTP C . 8.23 -20.15 -14.85
N3 UTP C . 7.63 -19.36 -12.90
C4 UTP C . 7.87 -18.51 -11.89
O4 UTP C . 7.01 -18.46 -10.84
C5 UTP C . 8.96 -17.65 -11.94
MG MG D . -10.84 2.35 -12.64
MG MG E . 15.61 -13.16 -14.18
MG MG F . 5.21 6.84 -7.70
MG MG G . 11.15 -21.33 -12.72
PA UTP H . -10.49 14.69 12.50
O1A UTP H . -10.13 14.66 11.12
O2A UTP H . -11.81 13.99 12.72
O3A UTP H . -9.43 14.00 13.38
O5' UTP H . -10.55 16.21 13.03
PB UTP H . -8.15 13.22 12.84
O1B UTP H . -7.12 14.18 12.33
O2B UTP H . -7.52 12.50 14.04
O3B UTP H . -8.64 12.09 11.83
PG UTP H . -8.18 11.98 10.33
O1G UTP H . -9.04 10.87 9.60
O2G UTP H . -6.73 11.46 10.48
O3G UTP H . -8.20 13.26 9.61
C5' UTP H . -9.35 16.89 13.23
C4' UTP H . -9.29 17.88 14.34
O4' UTP H . -10.39 18.73 14.25
C1' UTP H . -10.76 19.05 15.55
C2' UTP H . -9.89 18.27 16.46
O2' UTP H . -8.84 19.08 16.87
C3' UTP H . -9.45 17.22 15.66
O3' UTP H . -8.23 16.60 16.11
N1 UTP H . -12.18 18.68 15.78
C6 UTP H . -12.75 17.75 15.00
C2 UTP H . -12.84 19.20 16.82
O2 UTP H . -12.30 20.03 17.53
N3 UTP H . -14.10 18.84 17.10
C4 UTP H . -14.72 17.92 16.35
O4 UTP H . -15.98 17.53 16.68
C5 UTP H . -14.05 17.35 15.27
MG MG I . 8.27 32.03 8.41
MG MG J . -7.29 15.28 10.22
MG MG K . -13.09 21.62 14.12
#